data_5UTQ
#
_entry.id   5UTQ
#
_cell.length_a   48.670
_cell.length_b   87.670
_cell.length_c   66.700
_cell.angle_alpha   90.00
_cell.angle_beta   91.75
_cell.angle_gamma   90.00
#
_symmetry.space_group_name_H-M   'P 1 21 1'
#
loop_
_entity.id
_entity.type
_entity.pdbx_description
1 polymer Beta-hexosaminidase
2 non-polymer 'O-(2-ACETAMIDO-2-DEOXY D-GLUCOPYRANOSYLIDENE) AMINO-N-PHENYLCARBAMATE'
3 non-polymer '2-(N-MORPHOLINO)-ETHANESULFONIC ACID'
4 water water
#
_entity_poly.entity_id   1
_entity_poly.type   'polypeptide(L)'
_entity_poly.pdbx_seq_one_letter_code
;MAHHHHHHMKTTPGPVMLDVVGTTLSRDDARRLAHPNTGGVILFARHFQNRAQLTALTDSIRAVREDILIAVDHEGGRVQ
RFRTDGFTVLPAMRRLGELWDRDVLLATKVATAVGYILAAELRACGIDMSFTPVLDLDYGHSKVIGDRAFHRDPRVVTLL
AKSLNHGLSLAGMANCGKHFPGHGFAEADSHVALPTDDRTLDAILEQDVAPYDWLGLSLAAVIPAHVIYTQVDKRPAGFS
RVWLQDILRGKLGFTGAIFSDDLSMEAAREGGTLTQAADAALAAGCDMVLVCNQPDAAEVVLNGLKARASAESVRRIKRM
RARGKALKWDKLIAQPEYLQAQALLSSALA
;
_entity_poly.pdbx_strand_id   A,B
#
# COMPACT_ATOMS: atom_id res chain seq x y z
N THR A 11 9.97 -23.13 13.51
CA THR A 11 8.78 -23.06 14.35
C THR A 11 7.68 -22.26 13.67
N THR A 12 6.42 -22.58 14.01
CA THR A 12 5.27 -21.87 13.44
C THR A 12 4.55 -21.08 14.53
N PRO A 13 4.01 -19.91 14.21
CA PRO A 13 3.38 -19.09 15.26
C PRO A 13 2.20 -19.79 15.91
N GLY A 14 2.10 -19.65 17.23
CA GLY A 14 0.97 -20.14 17.97
C GLY A 14 -0.13 -19.09 18.06
N PRO A 15 -1.21 -19.42 18.77
CA PRO A 15 -2.37 -18.51 18.82
C PRO A 15 -2.36 -17.48 19.93
N VAL A 16 -1.28 -17.34 20.70
CA VAL A 16 -1.25 -16.45 21.86
C VAL A 16 -0.28 -15.31 21.60
N MET A 17 -0.75 -14.08 21.78
CA MET A 17 0.09 -12.90 21.82
C MET A 17 0.18 -12.41 23.25
N LEU A 18 1.40 -12.24 23.75
CA LEU A 18 1.62 -11.78 25.10
C LEU A 18 2.65 -10.66 25.11
N ASP A 19 3.16 -10.27 26.28
CA ASP A 19 4.18 -9.24 26.38
C ASP A 19 5.32 -9.76 27.24
N VAL A 20 6.44 -9.04 27.18
CA VAL A 20 7.63 -9.39 27.94
C VAL A 20 7.69 -8.51 29.19
N VAL A 21 8.64 -8.82 30.07
CA VAL A 21 8.62 -8.20 31.40
C VAL A 21 9.17 -6.77 31.37
N GLY A 22 10.08 -6.45 30.44
CA GLY A 22 10.67 -5.13 30.46
C GLY A 22 11.48 -4.75 29.24
N THR A 23 12.47 -3.86 29.45
CA THR A 23 13.25 -3.31 28.35
C THR A 23 14.31 -4.27 27.83
N THR A 24 14.69 -5.27 28.61
CA THR A 24 15.62 -6.30 28.18
C THR A 24 14.99 -7.66 28.41
N LEU A 25 15.24 -8.60 27.50
CA LEU A 25 14.64 -9.91 27.58
C LEU A 25 15.18 -10.66 28.80
N SER A 26 14.29 -11.35 29.51
CA SER A 26 14.65 -12.13 30.68
C SER A 26 14.60 -13.62 30.35
N ARG A 27 15.07 -14.42 31.30
CA ARG A 27 15.02 -15.87 31.13
C ARG A 27 13.58 -16.36 31.06
N ASP A 28 12.69 -15.75 31.85
CA ASP A 28 11.29 -16.13 31.80
C ASP A 28 10.68 -15.81 30.45
N ASP A 29 11.04 -14.65 29.88
CA ASP A 29 10.54 -14.29 28.55
C ASP A 29 10.98 -15.33 27.52
N ALA A 30 12.26 -15.72 27.55
CA ALA A 30 12.76 -16.70 26.59
C ALA A 30 11.98 -18.01 26.68
N ARG A 31 11.71 -18.47 27.91
CA ARG A 31 10.88 -19.66 28.07
C ARG A 31 9.51 -19.48 27.44
N ARG A 32 8.84 -18.36 27.74
CA ARG A 32 7.51 -18.12 27.19
C ARG A 32 7.58 -17.95 25.67
N LEU A 33 8.58 -17.24 25.17
CA LEU A 33 8.67 -17.04 23.72
C LEU A 33 8.87 -18.36 22.99
N ALA A 34 9.51 -19.33 23.63
CA ALA A 34 9.78 -20.61 23.00
C ALA A 34 8.59 -21.56 23.02
N HIS A 35 7.53 -21.23 23.75
CA HIS A 35 6.40 -22.16 23.86
C HIS A 35 5.69 -22.26 22.50
N PRO A 36 5.29 -23.46 22.08
CA PRO A 36 4.68 -23.60 20.75
C PRO A 36 3.42 -22.77 20.55
N ASN A 37 2.66 -22.51 21.61
CA ASN A 37 1.43 -21.75 21.49
C ASN A 37 1.65 -20.25 21.50
N THR A 38 2.89 -19.78 21.64
CA THR A 38 3.17 -18.37 21.52
C THR A 38 3.30 -17.99 20.05
N GLY A 39 2.62 -16.91 19.65
CA GLY A 39 2.65 -16.48 18.27
C GLY A 39 2.97 -15.01 18.09
N GLY A 40 2.95 -14.23 19.17
CA GLY A 40 3.17 -12.80 19.04
C GLY A 40 3.56 -12.13 20.33
N VAL A 41 4.13 -10.95 20.19
CA VAL A 41 4.48 -10.07 21.31
C VAL A 41 3.87 -8.70 21.04
N ILE A 42 3.23 -8.14 22.05
CA ILE A 42 2.71 -6.77 22.00
C ILE A 42 3.51 -5.93 22.99
N LEU A 43 3.93 -4.75 22.55
CA LEU A 43 4.77 -3.87 23.34
C LEU A 43 3.95 -2.71 23.91
N PHE A 44 4.42 -2.17 25.03
CA PHE A 44 3.79 -1.05 25.70
C PHE A 44 4.87 -0.05 26.11
N ALA A 45 4.44 1.07 26.70
CA ALA A 45 5.38 2.14 27.03
C ALA A 45 6.47 1.67 27.98
N ARG A 46 6.18 0.69 28.84
CA ARG A 46 7.20 0.20 29.76
C ARG A 46 8.31 -0.55 29.06
N HIS A 47 8.15 -0.89 27.79
CA HIS A 47 9.18 -1.59 27.04
C HIS A 47 10.04 -0.65 26.20
N PHE A 48 9.85 0.66 26.31
CA PHE A 48 10.56 1.63 25.50
C PHE A 48 11.34 2.58 26.39
N GLN A 49 12.67 2.56 26.27
CA GLN A 49 13.52 3.61 26.80
C GLN A 49 13.99 4.54 25.69
N ASN A 50 14.65 4.00 24.67
CA ASN A 50 15.06 4.76 23.51
C ASN A 50 15.14 3.82 22.31
N ARG A 51 15.38 4.39 21.14
CA ARG A 51 15.36 3.59 19.92
C ARG A 51 16.40 2.47 19.95
N ALA A 52 17.60 2.76 20.46
CA ALA A 52 18.63 1.74 20.51
C ALA A 52 18.21 0.56 21.39
N GLN A 53 17.65 0.85 22.56
CA GLN A 53 17.22 -0.21 23.46
C GLN A 53 16.09 -1.03 22.84
N LEU A 54 15.12 -0.36 22.19
CA LEU A 54 13.98 -1.07 21.63
C LEU A 54 14.40 -1.99 20.50
N THR A 55 15.35 -1.54 19.66
CA THR A 55 15.82 -2.39 18.57
C THR A 55 16.52 -3.63 19.11
N ALA A 56 17.37 -3.46 20.12
CA ALA A 56 18.03 -4.60 20.73
C ALA A 56 17.02 -5.56 21.33
N LEU A 57 15.94 -5.02 21.90
CA LEU A 57 14.90 -5.88 22.47
C LEU A 57 14.20 -6.69 21.39
N THR A 58 13.72 -6.03 20.34
CA THR A 58 13.04 -6.76 19.27
C THR A 58 13.97 -7.75 18.59
N ASP A 59 15.25 -7.39 18.43
CA ASP A 59 16.22 -8.34 17.88
C ASP A 59 16.33 -9.58 18.77
N SER A 60 16.41 -9.38 20.08
CA SER A 60 16.56 -10.52 20.98
C SER A 60 15.29 -11.37 21.03
N ILE A 61 14.13 -10.74 20.82
CA ILE A 61 12.88 -11.50 20.78
C ILE A 61 12.87 -12.44 19.57
N ARG A 62 13.22 -11.92 18.40
CA ARG A 62 13.24 -12.76 17.20
C ARG A 62 14.34 -13.80 17.28
N ALA A 63 15.44 -13.51 17.99
CA ALA A 63 16.49 -14.50 18.18
C ALA A 63 15.93 -15.75 18.85
N VAL A 64 15.06 -15.57 19.85
CA VAL A 64 14.47 -16.72 20.52
C VAL A 64 13.43 -17.39 19.62
N ARG A 65 12.60 -16.59 18.95
CA ARG A 65 11.51 -17.12 18.13
C ARG A 65 11.49 -16.31 16.83
N GLU A 66 12.06 -16.90 15.76
CA GLU A 66 12.25 -16.17 14.51
C GLU A 66 10.94 -15.91 13.78
N ASP A 67 9.91 -16.70 14.03
CA ASP A 67 8.62 -16.53 13.37
C ASP A 67 7.66 -15.66 14.17
N ILE A 68 8.15 -14.98 15.21
CA ILE A 68 7.28 -14.22 16.10
C ILE A 68 6.72 -13.01 15.37
N LEU A 69 5.51 -12.61 15.77
CA LEU A 69 4.89 -11.37 15.33
C LEU A 69 4.99 -10.35 16.45
N ILE A 70 5.49 -9.15 16.13
CA ILE A 70 5.69 -8.10 17.13
C ILE A 70 4.77 -6.93 16.76
N ALA A 71 3.89 -6.56 17.68
CA ALA A 71 2.88 -5.53 17.44
C ALA A 71 2.91 -4.51 18.55
N VAL A 72 2.12 -3.45 18.37
CA VAL A 72 2.04 -2.35 19.34
C VAL A 72 0.80 -1.53 19.01
N ASP A 73 0.25 -0.86 20.03
CA ASP A 73 -0.90 0.02 19.85
C ASP A 73 -0.37 1.41 19.48
N HIS A 74 -0.17 1.63 18.19
CA HIS A 74 0.27 2.92 17.67
C HIS A 74 -0.85 3.48 16.82
N GLU A 75 -1.80 4.14 17.48
CA GLU A 75 -2.91 4.81 16.79
C GLU A 75 -2.65 6.28 16.58
N GLY A 76 -2.08 6.96 17.56
CA GLY A 76 -1.95 8.40 17.55
C GLY A 76 -2.85 9.04 18.59
N GLY A 77 -2.54 10.29 18.92
CA GLY A 77 -3.30 10.99 19.94
C GLY A 77 -3.10 10.33 21.28
N ARG A 78 -4.19 9.84 21.87
CA ARG A 78 -4.17 9.28 23.22
C ARG A 78 -3.53 7.90 23.28
N VAL A 79 -3.33 7.23 22.15
CA VAL A 79 -2.84 5.85 22.11
C VAL A 79 -1.59 5.85 21.23
N GLN A 80 -0.43 5.98 21.85
CA GLN A 80 0.85 5.83 21.15
C GLN A 80 1.91 5.54 22.19
N ARG A 81 2.38 4.28 22.24
CA ARG A 81 3.31 3.87 23.30
C ARG A 81 4.63 4.62 23.20
N PHE A 82 5.14 4.78 21.98
CA PHE A 82 6.46 5.38 21.76
C PHE A 82 6.26 6.80 21.25
N ARG A 83 6.53 7.78 22.12
CA ARG A 83 6.35 9.19 21.79
C ARG A 83 7.63 9.99 21.89
N THR A 84 8.78 9.37 22.16
CA THR A 84 10.01 10.08 22.43
C THR A 84 11.15 9.51 21.59
N ASP A 85 12.34 10.10 21.76
CA ASP A 85 13.54 9.71 21.04
C ASP A 85 13.28 9.50 19.55
N GLY A 86 12.68 10.51 18.92
CA GLY A 86 12.54 10.55 17.48
C GLY A 86 11.18 10.13 16.97
N PHE A 87 10.47 9.26 17.70
CA PHE A 87 9.14 8.87 17.27
C PHE A 87 8.24 10.10 17.18
N THR A 88 7.61 10.27 16.02
CA THR A 88 6.79 11.43 15.76
C THR A 88 5.46 11.29 16.50
N VAL A 89 5.16 12.25 17.37
CA VAL A 89 3.87 12.28 18.04
C VAL A 89 2.79 12.44 16.97
N LEU A 90 1.90 11.48 16.88
CA LEU A 90 0.91 11.49 15.82
C LEU A 90 -0.41 12.05 16.32
N PRO A 91 -1.21 12.64 15.46
CA PRO A 91 -2.47 13.23 15.89
C PRO A 91 -3.52 12.16 16.18
N ALA A 92 -4.48 12.52 17.03
CA ALA A 92 -5.66 11.69 17.17
C ALA A 92 -6.38 11.60 15.83
N MET A 93 -6.86 10.39 15.51
CA MET A 93 -7.49 10.18 14.21
C MET A 93 -8.69 11.10 14.01
N ARG A 94 -9.33 11.55 15.09
CA ARG A 94 -10.41 12.51 14.96
C ARG A 94 -9.95 13.77 14.25
N ARG A 95 -8.68 14.16 14.43
CA ARG A 95 -8.15 15.33 13.74
C ARG A 95 -8.25 15.18 12.23
N LEU A 96 -8.06 13.96 11.71
CA LEU A 96 -8.10 13.76 10.27
C LEU A 96 -9.51 13.87 9.72
N GLY A 97 -10.52 13.43 10.49
CA GLY A 97 -11.89 13.66 10.09
C GLY A 97 -12.23 15.13 10.04
N GLU A 98 -11.73 15.91 11.00
CA GLU A 98 -11.97 17.35 11.01
C GLU A 98 -11.30 18.02 9.82
N LEU A 99 -10.08 17.59 9.48
CA LEU A 99 -9.43 18.10 8.28
C LEU A 99 -10.20 17.71 7.03
N TRP A 100 -10.66 16.46 6.96
CA TRP A 100 -11.53 16.02 5.86
C TRP A 100 -12.69 16.99 5.66
N ASP A 101 -13.33 17.42 6.76
CA ASP A 101 -14.47 18.31 6.65
C ASP A 101 -14.11 19.66 6.06
N ARG A 102 -12.82 20.03 6.06
CA ARG A 102 -12.35 21.25 5.44
C ARG A 102 -11.75 21.02 4.05
N ASP A 103 -11.06 19.90 3.86
CA ASP A 103 -10.45 19.59 2.56
C ASP A 103 -10.37 18.07 2.46
N VAL A 104 -11.31 17.47 1.72
CA VAL A 104 -11.37 16.02 1.59
C VAL A 104 -10.03 15.49 1.08
N LEU A 105 -9.63 15.93 -0.12
CA LEU A 105 -8.47 15.34 -0.77
C LEU A 105 -7.20 15.55 0.04
N LEU A 106 -7.04 16.73 0.64
CA LEU A 106 -5.87 16.96 1.48
C LEU A 106 -5.86 15.98 2.67
N ALA A 107 -7.03 15.72 3.25
CA ALA A 107 -7.09 14.79 4.37
C ALA A 107 -6.58 13.41 3.98
N THR A 108 -6.96 12.93 2.80
CA THR A 108 -6.48 11.63 2.34
C THR A 108 -4.96 11.66 2.13
N LYS A 109 -4.44 12.78 1.66
CA LYS A 109 -3.00 12.92 1.49
C LYS A 109 -2.28 12.85 2.83
N VAL A 110 -2.80 13.55 3.84
CA VAL A 110 -2.17 13.56 5.16
C VAL A 110 -2.31 12.18 5.81
N ALA A 111 -3.45 11.52 5.62
CA ALA A 111 -3.65 10.19 6.20
C ALA A 111 -2.55 9.23 5.74
N THR A 112 -2.24 9.22 4.44
CA THR A 112 -1.19 8.36 3.94
C THR A 112 0.16 8.72 4.56
N ALA A 113 0.46 10.03 4.65
CA ALA A 113 1.71 10.45 5.27
C ALA A 113 1.80 9.99 6.71
N VAL A 114 0.71 10.12 7.47
CA VAL A 114 0.68 9.60 8.83
C VAL A 114 0.94 8.10 8.82
N GLY A 115 0.31 7.38 7.89
CA GLY A 115 0.51 5.94 7.83
C GLY A 115 1.95 5.57 7.55
N TYR A 116 2.59 6.27 6.61
CA TYR A 116 3.96 5.92 6.26
C TYR A 116 4.93 6.27 7.38
N ILE A 117 4.78 7.44 8.00
CA ILE A 117 5.59 7.80 9.15
C ILE A 117 5.44 6.75 10.24
N LEU A 118 4.20 6.41 10.57
CA LEU A 118 3.91 5.42 11.60
C LEU A 118 4.65 4.12 11.32
N ALA A 119 4.47 3.57 10.13
CA ALA A 119 5.03 2.25 9.82
C ALA A 119 6.56 2.33 9.69
N ALA A 120 7.08 3.37 9.05
CA ALA A 120 8.51 3.46 8.83
C ALA A 120 9.27 3.51 10.16
N GLU A 121 8.80 4.34 11.09
CA GLU A 121 9.48 4.45 12.38
C GLU A 121 9.39 3.16 13.16
N LEU A 122 8.24 2.47 13.10
CA LEU A 122 8.10 1.20 13.82
C LEU A 122 9.00 0.13 13.23
N ARG A 123 9.10 0.06 11.90
CA ARG A 123 9.93 -0.97 11.28
C ARG A 123 11.41 -0.71 11.50
N ALA A 124 11.81 0.56 11.64
CA ALA A 124 13.20 0.86 11.95
C ALA A 124 13.62 0.31 13.31
N CYS A 125 12.66 -0.01 14.18
CA CYS A 125 12.94 -0.64 15.47
C CYS A 125 12.53 -2.11 15.50
N GLY A 126 12.27 -2.71 14.34
CA GLY A 126 12.04 -4.15 14.28
C GLY A 126 10.64 -4.59 14.64
N ILE A 127 9.64 -3.74 14.47
CA ILE A 127 8.26 -4.07 14.79
C ILE A 127 7.51 -4.40 13.50
N ASP A 128 6.59 -5.36 13.58
CA ASP A 128 5.90 -5.84 12.39
C ASP A 128 4.68 -4.97 12.05
N MET A 129 3.87 -4.64 13.06
CA MET A 129 2.56 -4.05 12.80
C MET A 129 2.12 -3.22 13.98
N SER A 130 1.15 -2.34 13.73
CA SER A 130 0.44 -1.60 14.76
C SER A 130 -1.02 -1.99 14.74
N PHE A 131 -1.65 -1.98 15.91
CA PHE A 131 -3.08 -2.28 16.01
C PHE A 131 -3.84 -0.99 15.69
N THR A 132 -3.91 -0.70 14.40
CA THR A 132 -4.57 0.49 13.87
C THR A 132 -5.01 0.13 12.46
N PRO A 133 -6.07 0.78 11.93
CA PRO A 133 -6.87 1.91 12.43
C PRO A 133 -8.12 1.54 13.21
N VAL A 134 -8.52 2.46 14.09
CA VAL A 134 -9.84 2.40 14.70
C VAL A 134 -10.87 2.73 13.63
N LEU A 135 -11.77 1.79 13.36
CA LEU A 135 -12.86 2.02 12.42
C LEU A 135 -14.17 2.34 13.12
N ASP A 136 -14.17 2.40 14.46
CA ASP A 136 -15.37 2.77 15.20
C ASP A 136 -15.85 4.15 14.75
N LEU A 137 -17.16 4.28 14.57
CA LEU A 137 -17.74 5.55 14.15
C LEU A 137 -17.79 6.50 15.34
N ASP A 138 -17.48 7.77 15.08
CA ASP A 138 -17.42 8.78 16.13
C ASP A 138 -18.85 9.27 16.43
N TYR A 139 -19.61 8.37 17.05
CA TYR A 139 -20.94 8.74 17.53
C TYR A 139 -20.89 9.74 18.67
N GLY A 140 -19.76 9.86 19.35
CA GLY A 140 -19.68 10.60 20.59
C GLY A 140 -20.17 9.83 21.80
N HIS A 141 -20.66 8.61 21.62
CA HIS A 141 -21.21 7.84 22.72
C HIS A 141 -20.13 7.21 23.58
N SER A 142 -19.10 6.65 22.95
CA SER A 142 -18.08 5.88 23.66
C SER A 142 -16.94 6.80 24.07
N LYS A 143 -16.69 6.90 25.38
CA LYS A 143 -15.58 7.69 25.87
C LYS A 143 -14.26 6.95 25.71
N VAL A 144 -14.27 5.62 25.89
CA VAL A 144 -13.04 4.85 25.70
C VAL A 144 -12.53 5.01 24.28
N ILE A 145 -13.42 5.18 23.30
CA ILE A 145 -13.01 5.46 21.94
C ILE A 145 -12.69 6.94 21.77
N GLY A 146 -13.70 7.78 21.94
CA GLY A 146 -13.47 9.22 21.92
C GLY A 146 -12.80 9.66 20.63
N ASP A 147 -11.76 10.48 20.76
CA ASP A 147 -11.08 11.05 19.60
C ASP A 147 -10.26 10.03 18.82
N ARG A 148 -10.22 8.77 19.26
CA ARG A 148 -9.56 7.72 18.49
C ARG A 148 -10.31 7.39 17.20
N ALA A 149 -11.54 7.86 17.05
CA ALA A 149 -12.32 7.59 15.86
C ALA A 149 -12.09 8.67 14.80
N PHE A 150 -12.14 8.25 13.53
CA PHE A 150 -11.89 9.18 12.43
C PHE A 150 -13.02 10.19 12.28
N HIS A 151 -14.26 9.71 12.21
CA HIS A 151 -15.37 10.53 11.75
C HIS A 151 -16.67 9.81 12.09
N ARG A 152 -17.77 10.54 12.01
CA ARG A 152 -19.09 9.95 12.21
C ARG A 152 -19.53 9.16 10.98
N ASP A 153 -19.21 9.65 9.80
CA ASP A 153 -19.72 9.05 8.56
C ASP A 153 -18.93 7.81 8.21
N PRO A 154 -19.56 6.64 8.05
CA PRO A 154 -18.79 5.43 7.72
C PRO A 154 -18.05 5.53 6.40
N ARG A 155 -18.57 6.29 5.44
CA ARG A 155 -17.86 6.49 4.18
C ARG A 155 -16.57 7.28 4.39
N VAL A 156 -16.60 8.26 5.30
CA VAL A 156 -15.40 9.03 5.60
C VAL A 156 -14.39 8.17 6.36
N VAL A 157 -14.86 7.38 7.33
CA VAL A 157 -13.97 6.48 8.05
C VAL A 157 -13.29 5.54 7.08
N THR A 158 -14.05 4.98 6.13
CA THR A 158 -13.48 4.05 5.16
C THR A 158 -12.33 4.68 4.39
N LEU A 159 -12.58 5.81 3.74
CA LEU A 159 -11.58 6.37 2.83
C LEU A 159 -10.39 6.95 3.58
N LEU A 160 -10.59 7.50 4.77
CA LEU A 160 -9.46 7.96 5.57
C LEU A 160 -8.63 6.77 6.08
N ALA A 161 -9.30 5.79 6.68
CA ALA A 161 -8.58 4.60 7.12
C ALA A 161 -7.89 3.91 5.96
N LYS A 162 -8.52 3.90 4.79
CA LYS A 162 -7.91 3.30 3.62
C LYS A 162 -6.64 4.04 3.22
N SER A 163 -6.68 5.38 3.25
CA SER A 163 -5.49 6.16 2.93
C SER A 163 -4.39 5.92 3.95
N LEU A 164 -4.76 5.76 5.23
CA LEU A 164 -3.77 5.44 6.25
C LEU A 164 -3.19 4.04 6.01
N ASN A 165 -4.04 3.06 5.71
CA ASN A 165 -3.54 1.72 5.44
C ASN A 165 -2.64 1.70 4.21
N HIS A 166 -2.88 2.62 3.27
CA HIS A 166 -1.99 2.74 2.11
C HIS A 166 -0.60 3.19 2.54
N GLY A 167 -0.54 4.16 3.45
CA GLY A 167 0.76 4.62 3.94
C GLY A 167 1.49 3.54 4.72
N LEU A 168 0.75 2.75 5.50
CA LEU A 168 1.36 1.60 6.16
C LEU A 168 1.94 0.63 5.14
N SER A 169 1.18 0.34 4.08
CA SER A 169 1.65 -0.60 3.06
C SER A 169 2.91 -0.10 2.36
N LEU A 170 3.09 1.22 2.27
CA LEU A 170 4.27 1.76 1.61
C LEU A 170 5.54 1.38 2.34
N ALA A 171 5.47 1.19 3.66
CA ALA A 171 6.59 0.68 4.44
C ALA A 171 6.55 -0.84 4.57
N GLY A 172 5.63 -1.51 3.88
CA GLY A 172 5.49 -2.94 3.98
C GLY A 172 4.73 -3.44 5.19
N MET A 173 3.99 -2.57 5.88
CA MET A 173 3.30 -2.93 7.09
C MET A 173 1.80 -3.14 6.81
N ALA A 174 1.21 -4.10 7.52
CA ALA A 174 -0.20 -4.40 7.39
C ALA A 174 -1.02 -3.47 8.29
N ASN A 175 -2.22 -3.91 8.69
CA ASN A 175 -3.10 -3.09 9.50
C ASN A 175 -4.07 -3.99 10.23
N CYS A 176 -4.88 -3.40 11.09
CA CYS A 176 -5.86 -4.15 11.87
C CYS A 176 -7.00 -3.21 12.25
N GLY A 177 -8.17 -3.41 11.64
CA GLY A 177 -9.33 -2.60 11.97
C GLY A 177 -9.96 -3.02 13.28
N LYS A 178 -10.53 -2.04 13.99
CA LYS A 178 -11.14 -2.32 15.29
C LYS A 178 -12.11 -1.22 15.68
N HIS A 179 -13.06 -1.50 16.57
CA HIS A 179 -13.29 -2.81 17.20
C HIS A 179 -14.59 -3.41 16.66
N PHE A 180 -14.45 -4.48 15.89
CA PHE A 180 -15.56 -5.08 15.14
C PHE A 180 -16.61 -5.72 16.05
N PRO A 181 -17.91 -5.55 15.74
CA PRO A 181 -18.53 -4.84 14.61
C PRO A 181 -18.69 -3.34 14.82
N GLY A 182 -18.20 -2.81 15.93
CA GLY A 182 -18.31 -1.39 16.19
C GLY A 182 -18.47 -1.07 17.67
N HIS A 183 -17.52 -0.29 18.19
CA HIS A 183 -17.50 0.10 19.59
C HIS A 183 -18.01 1.52 19.81
N GLY A 184 -18.37 2.23 18.74
CA GLY A 184 -18.65 3.65 18.86
C GLY A 184 -19.99 3.96 19.49
N PHE A 185 -20.95 3.05 19.39
CA PHE A 185 -22.32 3.34 19.83
C PHE A 185 -22.54 3.03 21.30
N ALA A 186 -21.94 1.96 21.82
CA ALA A 186 -22.09 1.59 23.22
C ALA A 186 -21.07 2.34 24.07
N GLU A 187 -21.51 2.84 25.23
CA GLU A 187 -20.62 3.63 26.08
C GLU A 187 -20.07 2.89 27.33
N ALA A 188 -20.83 2.05 28.04
CA ALA A 188 -22.26 1.81 27.89
C ALA A 188 -22.89 1.77 29.28
N VAL A 192 -16.04 -3.20 35.08
CA VAL A 192 -17.42 -2.90 35.47
C VAL A 192 -18.37 -3.46 34.41
N ALA A 193 -18.48 -4.78 34.35
CA ALA A 193 -19.36 -5.45 33.39
C ALA A 193 -19.00 -5.07 31.96
N LEU A 194 -19.73 -5.66 30.96
CA LEU A 194 -19.42 -5.41 29.55
C LEU A 194 -20.40 -4.42 28.95
N PRO A 195 -19.95 -3.53 28.05
CA PRO A 195 -20.89 -2.66 27.36
C PRO A 195 -21.90 -3.46 26.56
N THR A 196 -23.07 -2.87 26.34
CA THR A 196 -24.14 -3.52 25.59
C THR A 196 -24.64 -2.58 24.50
N ASP A 197 -25.03 -3.18 23.39
CA ASP A 197 -25.53 -2.45 22.22
C ASP A 197 -26.81 -3.17 21.77
N ASP A 198 -27.96 -2.53 21.96
CA ASP A 198 -29.24 -3.16 21.72
C ASP A 198 -29.82 -2.81 20.34
N ARG A 199 -28.99 -2.34 19.42
CA ARG A 199 -29.47 -2.06 18.07
C ARG A 199 -29.70 -3.36 17.31
N THR A 200 -30.46 -3.26 16.22
CA THR A 200 -30.73 -4.40 15.37
C THR A 200 -29.51 -4.73 14.52
N LEU A 201 -29.48 -5.98 14.03
CA LEU A 201 -28.38 -6.42 13.17
C LEU A 201 -28.26 -5.53 11.94
N ASP A 202 -29.38 -5.25 11.28
CA ASP A 202 -29.34 -4.44 10.07
C ASP A 202 -28.79 -3.05 10.34
N ALA A 203 -29.18 -2.43 11.46
CA ALA A 203 -28.66 -1.11 11.81
C ALA A 203 -27.15 -1.17 12.03
N ILE A 204 -26.67 -2.23 12.69
CA ILE A 204 -25.23 -2.39 12.90
C ILE A 204 -24.53 -2.63 11.58
N LEU A 205 -25.15 -3.41 10.69
CA LEU A 205 -24.52 -3.72 9.41
C LEU A 205 -24.47 -2.50 8.50
N GLU A 206 -25.53 -1.69 8.49
CA GLU A 206 -25.62 -0.59 7.53
C GLU A 206 -24.65 0.54 7.83
N GLN A 207 -24.07 0.58 9.03
CA GLN A 207 -23.17 1.68 9.39
C GLN A 207 -21.87 1.17 9.99
N ASP A 208 -21.90 0.71 11.23
CA ASP A 208 -20.67 0.39 11.94
C ASP A 208 -19.84 -0.65 11.20
N VAL A 209 -20.50 -1.63 10.59
CA VAL A 209 -19.77 -2.68 9.88
C VAL A 209 -19.35 -2.26 8.47
N ALA A 210 -19.97 -1.21 7.92
CA ALA A 210 -19.74 -0.88 6.52
C ALA A 210 -18.27 -0.65 6.19
N PRO A 211 -17.46 0.02 7.01
CA PRO A 211 -16.05 0.20 6.63
C PRO A 211 -15.30 -1.10 6.46
N TYR A 212 -15.58 -2.10 7.30
CA TYR A 212 -14.95 -3.41 7.15
C TYR A 212 -15.30 -4.02 5.79
N ASP A 213 -16.55 -3.86 5.38
CA ASP A 213 -16.99 -4.42 4.10
C ASP A 213 -16.40 -3.64 2.93
N TRP A 214 -16.42 -2.31 3.00
CA TRP A 214 -15.98 -1.48 1.88
C TRP A 214 -14.46 -1.50 1.71
N LEU A 215 -13.70 -1.66 2.78
CA LEU A 215 -12.25 -1.60 2.67
C LEU A 215 -11.70 -2.69 1.77
N GLY A 216 -12.38 -3.84 1.71
CA GLY A 216 -11.92 -4.90 0.82
C GLY A 216 -10.54 -5.40 1.21
N LEU A 217 -9.68 -5.58 0.21
CA LEU A 217 -8.34 -6.10 0.45
C LEU A 217 -7.45 -5.11 1.20
N SER A 218 -7.88 -3.85 1.35
CA SER A 218 -7.10 -2.89 2.12
CA SER A 218 -7.09 -2.90 2.12
C SER A 218 -7.19 -3.13 3.62
N LEU A 219 -8.04 -4.05 4.06
CA LEU A 219 -8.18 -4.42 5.46
C LEU A 219 -7.45 -5.74 5.65
N ALA A 220 -6.36 -5.72 6.44
CA ALA A 220 -5.54 -6.90 6.62
C ALA A 220 -5.99 -7.76 7.81
N ALA A 221 -6.51 -7.16 8.87
CA ALA A 221 -6.84 -7.89 10.08
C ALA A 221 -7.96 -7.16 10.80
N VAL A 222 -8.38 -7.74 11.93
CA VAL A 222 -9.49 -7.21 12.72
C VAL A 222 -9.26 -7.56 14.19
N ILE A 223 -9.73 -6.68 15.07
CA ILE A 223 -9.87 -6.98 16.48
C ILE A 223 -11.37 -6.84 16.82
N PRO A 224 -12.02 -7.87 17.36
CA PRO A 224 -13.40 -7.69 17.79
C PRO A 224 -13.51 -6.93 19.11
N ALA A 225 -14.66 -6.33 19.31
CA ALA A 225 -14.93 -5.52 20.49
C ALA A 225 -15.41 -6.39 21.64
N HIS A 226 -14.97 -6.06 22.86
CA HIS A 226 -15.53 -6.65 24.07
C HIS A 226 -16.87 -5.96 24.36
N VAL A 227 -17.83 -6.22 23.51
CA VAL A 227 -19.15 -5.60 23.58
C VAL A 227 -20.19 -6.66 23.25
N ILE A 228 -21.31 -6.62 23.97
CA ILE A 228 -22.41 -7.56 23.78
C ILE A 228 -23.48 -6.86 22.95
N TYR A 229 -23.83 -7.47 21.82
CA TYR A 229 -24.88 -6.95 20.95
C TYR A 229 -26.11 -7.83 21.17
N THR A 230 -26.96 -7.40 22.11
CA THR A 230 -27.97 -8.28 22.68
C THR A 230 -28.93 -8.82 21.62
N GLN A 231 -29.26 -8.01 20.61
CA GLN A 231 -30.21 -8.44 19.60
C GLN A 231 -29.60 -9.36 18.55
N VAL A 232 -28.32 -9.72 18.68
CA VAL A 232 -27.64 -10.53 17.68
C VAL A 232 -27.04 -11.77 18.33
N ASP A 233 -26.49 -11.59 19.53
CA ASP A 233 -25.82 -12.68 20.22
C ASP A 233 -25.49 -12.21 21.64
N LYS A 234 -25.75 -13.06 22.61
CA LYS A 234 -25.45 -12.72 24.00
C LYS A 234 -23.98 -12.85 24.32
N ARG A 235 -23.21 -13.55 23.48
CA ARG A 235 -21.78 -13.64 23.71
C ARG A 235 -21.09 -12.36 23.21
N PRO A 236 -20.03 -11.90 23.88
CA PRO A 236 -19.29 -10.75 23.35
C PRO A 236 -18.74 -11.06 21.97
N ALA A 237 -18.56 -9.99 21.18
CA ALA A 237 -18.17 -10.18 19.78
C ALA A 237 -16.92 -11.03 19.65
N GLY A 238 -15.96 -10.87 20.57
CA GLY A 238 -14.75 -11.65 20.50
C GLY A 238 -14.96 -13.13 20.74
N PHE A 239 -16.03 -13.48 21.45
CA PHE A 239 -16.37 -14.87 21.73
C PHE A 239 -17.64 -15.31 21.01
N SER A 240 -18.05 -14.56 19.98
CA SER A 240 -19.28 -14.81 19.26
C SER A 240 -18.95 -15.46 17.91
N ARG A 241 -19.38 -16.71 17.74
CA ARG A 241 -19.24 -17.34 16.43
C ARG A 241 -20.12 -16.65 15.40
N VAL A 242 -21.22 -16.05 15.84
CA VAL A 242 -22.09 -15.31 14.91
C VAL A 242 -21.33 -14.15 14.29
N TRP A 243 -20.68 -13.34 15.12
CA TRP A 243 -20.00 -12.16 14.60
C TRP A 243 -18.76 -12.54 13.78
N LEU A 244 -17.94 -13.45 14.30
CA LEU A 244 -16.66 -13.72 13.68
C LEU A 244 -16.77 -14.63 12.46
N GLN A 245 -17.70 -15.59 12.47
CA GLN A 245 -17.86 -16.51 11.35
CA GLN A 245 -17.87 -16.52 11.35
C GLN A 245 -19.05 -16.13 10.46
N ASP A 246 -20.25 -16.07 11.03
CA ASP A 246 -21.44 -15.82 10.23
C ASP A 246 -21.37 -14.47 9.52
N ILE A 247 -20.89 -13.43 10.20
CA ILE A 247 -20.90 -12.08 9.65
C ILE A 247 -19.59 -11.78 8.94
N LEU A 248 -18.49 -11.76 9.69
CA LEU A 248 -17.21 -11.30 9.13
C LEU A 248 -16.69 -12.28 8.09
N ARG A 249 -16.50 -13.54 8.46
CA ARG A 249 -15.98 -14.52 7.51
C ARG A 249 -17.00 -14.86 6.44
N GLY A 250 -18.27 -14.98 6.82
CA GLY A 250 -19.28 -15.43 5.89
C GLY A 250 -19.89 -14.32 5.06
N LYS A 251 -20.65 -13.43 5.70
CA LYS A 251 -21.38 -12.42 4.96
C LYS A 251 -20.43 -11.45 4.26
N LEU A 252 -19.29 -11.15 4.90
CA LEU A 252 -18.32 -10.22 4.34
C LEU A 252 -17.19 -10.90 3.57
N GLY A 253 -17.02 -12.21 3.73
CA GLY A 253 -15.97 -12.91 3.02
C GLY A 253 -14.56 -12.56 3.48
N PHE A 254 -14.42 -12.01 4.68
CA PHE A 254 -13.11 -11.61 5.18
C PHE A 254 -12.21 -12.83 5.36
N THR A 255 -10.96 -12.70 4.92
CA THR A 255 -9.98 -13.77 5.05
C THR A 255 -8.71 -13.31 5.77
N GLY A 256 -8.71 -12.12 6.37
CA GLY A 256 -7.59 -11.67 7.15
C GLY A 256 -7.61 -12.23 8.56
N ALA A 257 -6.57 -11.89 9.32
CA ALA A 257 -6.41 -12.41 10.67
C ALA A 257 -7.32 -11.70 11.65
N ILE A 258 -7.73 -12.42 12.69
CA ILE A 258 -8.59 -11.88 13.74
C ILE A 258 -7.85 -12.05 15.07
N PHE A 259 -7.50 -10.93 15.69
CA PHE A 259 -6.91 -10.90 17.02
C PHE A 259 -8.00 -10.55 18.03
N SER A 260 -8.09 -11.32 19.11
CA SER A 260 -8.99 -10.93 20.19
C SER A 260 -8.52 -9.62 20.80
N ASP A 261 -9.47 -8.86 21.36
CA ASP A 261 -9.08 -7.76 22.21
C ASP A 261 -8.53 -8.31 23.52
N ASP A 262 -7.83 -7.45 24.26
CA ASP A 262 -7.12 -7.89 25.46
C ASP A 262 -8.01 -8.74 26.35
N LEU A 263 -7.63 -10.01 26.52
CA LEU A 263 -8.39 -10.90 27.39
C LEU A 263 -8.21 -10.57 28.86
N SER A 264 -7.17 -9.81 29.22
CA SER A 264 -6.98 -9.38 30.59
C SER A 264 -8.09 -8.44 31.07
N MET A 265 -8.95 -7.97 30.17
CA MET A 265 -10.11 -7.20 30.57
C MET A 265 -11.11 -8.13 31.26
N GLU A 266 -11.24 -7.99 32.58
CA GLU A 266 -11.97 -8.97 33.39
C GLU A 266 -13.38 -9.22 32.85
N ALA A 267 -14.18 -8.17 32.75
CA ALA A 267 -15.59 -8.33 32.40
C ALA A 267 -15.78 -9.12 31.11
N ALA A 268 -14.78 -9.11 30.23
CA ALA A 268 -14.92 -9.79 28.94
C ALA A 268 -15.04 -11.30 29.12
N ARG A 269 -14.42 -11.85 30.16
CA ARG A 269 -14.39 -13.30 30.32
C ARG A 269 -15.67 -13.88 30.91
N GLU A 270 -16.51 -13.05 31.52
CA GLU A 270 -17.79 -13.49 32.08
C GLU A 270 -17.59 -14.68 33.02
N GLY A 271 -16.83 -14.43 34.09
CA GLY A 271 -16.62 -15.41 35.14
C GLY A 271 -15.67 -16.54 34.80
N GLY A 272 -15.24 -16.66 33.55
CA GLY A 272 -14.33 -17.72 33.17
C GLY A 272 -12.87 -17.35 33.39
N THR A 273 -12.01 -18.36 33.37
CA THR A 273 -10.59 -18.13 33.46
C THR A 273 -10.06 -17.56 32.14
N LEU A 274 -8.82 -17.07 32.18
CA LEU A 274 -8.17 -16.63 30.95
C LEU A 274 -8.09 -17.77 29.94
N THR A 275 -7.70 -18.96 30.39
CA THR A 275 -7.58 -20.10 29.49
C THR A 275 -8.93 -20.44 28.86
N GLN A 276 -10.00 -20.42 29.67
CA GLN A 276 -11.33 -20.70 29.12
C GLN A 276 -11.76 -19.61 28.15
N ALA A 277 -11.48 -18.35 28.47
CA ALA A 277 -11.80 -17.26 27.55
C ALA A 277 -10.99 -17.36 26.27
N ALA A 278 -9.73 -17.78 26.38
CA ALA A 278 -8.88 -17.95 25.20
C ALA A 278 -9.42 -19.06 24.30
N ASP A 279 -9.87 -20.17 24.90
CA ASP A 279 -10.43 -21.26 24.10
C ASP A 279 -11.73 -20.84 23.42
N ALA A 280 -12.54 -20.03 24.10
CA ALA A 280 -13.80 -19.58 23.52
C ALA A 280 -13.55 -18.61 22.36
N ALA A 281 -12.58 -17.71 22.52
CA ALA A 281 -12.28 -16.75 21.45
C ALA A 281 -11.79 -17.47 20.20
N LEU A 282 -10.86 -18.41 20.37
CA LEU A 282 -10.37 -19.17 19.23
C LEU A 282 -11.47 -20.04 18.63
N ALA A 283 -12.29 -20.67 19.48
CA ALA A 283 -13.41 -21.45 18.99
C ALA A 283 -14.38 -20.57 18.21
N ALA A 284 -14.57 -19.32 18.65
CA ALA A 284 -15.50 -18.43 17.97
C ALA A 284 -14.99 -18.00 16.61
N GLY A 285 -13.68 -17.91 16.43
CA GLY A 285 -13.12 -17.54 15.14
C GLY A 285 -11.84 -16.73 15.21
N CYS A 286 -11.39 -16.39 16.41
CA CYS A 286 -10.14 -15.65 16.56
C CYS A 286 -8.96 -16.52 16.13
N ASP A 287 -8.05 -15.94 15.34
CA ASP A 287 -6.81 -16.63 15.00
C ASP A 287 -5.77 -16.50 16.10
N MET A 288 -5.79 -15.40 16.84
CA MET A 288 -4.85 -15.17 17.92
C MET A 288 -5.56 -14.44 19.05
N VAL A 289 -5.11 -14.68 20.28
CA VAL A 289 -5.67 -14.06 21.47
C VAL A 289 -4.60 -13.21 22.14
N LEU A 290 -5.01 -12.08 22.69
CA LEU A 290 -4.13 -11.15 23.36
C LEU A 290 -4.27 -11.28 24.87
N VAL A 291 -3.15 -11.45 25.56
CA VAL A 291 -3.11 -11.48 27.02
C VAL A 291 -2.03 -10.48 27.42
N CYS A 292 -2.43 -9.29 27.86
CA CYS A 292 -1.51 -8.19 28.10
C CYS A 292 -1.34 -7.93 29.58
N ASN A 293 -0.12 -7.59 29.98
CA ASN A 293 0.18 -7.06 31.31
C ASN A 293 0.12 -8.11 32.41
N GLN A 294 0.37 -9.37 32.07
CA GLN A 294 0.47 -10.43 33.07
C GLN A 294 1.05 -11.69 32.42
N PRO A 295 2.36 -11.70 32.16
CA PRO A 295 2.94 -12.83 31.40
C PRO A 295 2.78 -14.17 32.06
N ASP A 296 2.78 -14.23 33.40
CA ASP A 296 2.64 -15.52 34.06
C ASP A 296 1.24 -16.09 33.88
N ALA A 297 0.22 -15.23 33.94
CA ALA A 297 -1.13 -15.68 33.63
C ALA A 297 -1.25 -16.05 32.15
N ALA A 298 -0.52 -15.35 31.28
CA ALA A 298 -0.46 -15.75 29.88
C ALA A 298 0.23 -17.09 29.71
N GLU A 299 1.23 -17.38 30.54
CA GLU A 299 1.91 -18.68 30.45
C GLU A 299 0.99 -19.81 30.87
N VAL A 300 0.08 -19.57 31.81
CA VAL A 300 -0.94 -20.57 32.14
C VAL A 300 -1.80 -20.85 30.91
N VAL A 301 -2.17 -19.81 30.17
CA VAL A 301 -2.95 -20.00 28.95
C VAL A 301 -2.16 -20.83 27.95
N LEU A 302 -0.89 -20.49 27.74
CA LEU A 302 -0.07 -21.21 26.78
C LEU A 302 -0.10 -22.71 27.04
N ASN A 303 -0.03 -23.12 28.30
CA ASN A 303 0.09 -24.53 28.66
C ASN A 303 -1.25 -25.21 28.91
N GLY A 304 -2.35 -24.45 29.02
CA GLY A 304 -3.64 -25.04 29.25
C GLY A 304 -4.56 -24.98 28.05
N LEU A 305 -4.10 -24.37 26.97
CA LEU A 305 -4.94 -24.16 25.80
C LEU A 305 -5.29 -25.49 25.14
N LYS A 306 -6.58 -25.72 24.91
CA LYS A 306 -7.01 -26.93 24.23
C LYS A 306 -6.80 -26.86 22.73
N ALA A 307 -6.88 -25.66 22.15
CA ALA A 307 -6.69 -25.49 20.71
C ALA A 307 -5.20 -25.52 20.37
N SER A 310 -5.59 -24.76 13.26
CA SER A 310 -4.41 -23.88 13.25
C SER A 310 -3.96 -23.60 11.82
N ALA A 311 -4.09 -24.60 10.95
CA ALA A 311 -3.62 -24.47 9.57
C ALA A 311 -4.13 -23.17 8.93
N GLU A 312 -5.45 -22.97 8.95
CA GLU A 312 -6.01 -21.75 8.40
C GLU A 312 -5.47 -20.52 9.13
N SER A 313 -5.42 -20.56 10.46
CA SER A 313 -4.99 -19.41 11.23
C SER A 313 -3.53 -19.08 10.98
N VAL A 314 -2.66 -20.10 10.95
CA VAL A 314 -1.23 -19.85 10.79
C VAL A 314 -0.96 -19.10 9.49
N ARG A 315 -1.67 -19.45 8.42
CA ARG A 315 -1.53 -18.70 7.17
C ARG A 315 -1.84 -17.22 7.40
N ARG A 316 -2.97 -16.92 8.04
CA ARG A 316 -3.35 -15.54 8.26
C ARG A 316 -2.39 -14.83 9.21
N ILE A 317 -1.87 -15.56 10.21
CA ILE A 317 -0.91 -14.96 11.13
C ILE A 317 0.38 -14.61 10.41
N LYS A 318 0.91 -15.55 9.63
CA LYS A 318 2.15 -15.31 8.89
C LYS A 318 2.02 -14.08 7.99
N ARG A 319 0.83 -13.85 7.43
CA ARG A 319 0.62 -12.73 6.52
C ARG A 319 0.56 -11.38 7.23
N MET A 320 0.65 -11.35 8.56
CA MET A 320 0.74 -10.09 9.29
C MET A 320 2.17 -9.63 9.52
N ARG A 321 3.15 -10.46 9.17
CA ARG A 321 4.55 -10.05 9.26
C ARG A 321 4.83 -8.96 8.24
N ALA A 322 5.64 -7.98 8.65
CA ALA A 322 6.01 -6.89 7.74
C ALA A 322 6.68 -7.46 6.50
N ARG A 323 6.32 -6.90 5.35
CA ARG A 323 6.80 -7.40 4.06
C ARG A 323 8.05 -6.65 3.62
N GLY A 324 9.04 -7.41 3.14
CA GLY A 324 10.23 -6.83 2.56
C GLY A 324 11.16 -6.22 3.60
N LYS A 325 12.20 -5.56 3.09
CA LYS A 325 13.20 -4.95 3.93
C LYS A 325 12.73 -3.59 4.45
N ALA A 326 13.26 -3.22 5.62
CA ALA A 326 12.94 -1.95 6.25
C ALA A 326 14.20 -1.10 6.33
N LEU A 327 14.01 0.21 6.30
CA LEU A 327 15.13 1.14 6.47
C LEU A 327 15.46 1.26 7.95
N LYS A 328 16.72 1.04 8.29
CA LYS A 328 17.20 1.40 9.62
C LYS A 328 17.05 2.90 9.84
N TRP A 329 17.21 3.31 11.09
CA TRP A 329 17.00 4.73 11.42
C TRP A 329 17.99 5.62 10.68
N ASP A 330 19.27 5.23 10.63
CA ASP A 330 20.26 6.05 9.95
C ASP A 330 19.93 6.27 8.49
N LYS A 331 19.14 5.38 7.88
CA LYS A 331 18.70 5.54 6.50
C LYS A 331 17.38 6.31 6.41
N LEU A 332 16.45 6.03 7.32
CA LEU A 332 15.13 6.64 7.25
C LEU A 332 15.20 8.14 7.45
N ILE A 333 16.07 8.60 8.35
CA ILE A 333 16.13 10.02 8.70
C ILE A 333 16.55 10.88 7.53
N ALA A 334 17.23 10.31 6.53
CA ALA A 334 17.69 11.05 5.36
C ALA A 334 16.84 10.77 4.13
N GLN A 335 15.74 10.05 4.27
CA GLN A 335 14.93 9.70 3.11
C GLN A 335 14.01 10.85 2.74
N PRO A 336 14.03 11.32 1.48
CA PRO A 336 13.10 12.41 1.10
C PRO A 336 11.65 12.11 1.40
N GLU A 337 11.16 10.91 1.10
CA GLU A 337 9.76 10.58 1.35
C GLU A 337 9.42 10.76 2.82
N TYR A 338 10.27 10.22 3.70
CA TYR A 338 10.07 10.41 5.14
C TYR A 338 10.06 11.88 5.49
N LEU A 339 11.09 12.62 5.06
CA LEU A 339 11.15 14.05 5.35
C LEU A 339 9.96 14.79 4.75
N GLN A 340 9.55 14.39 3.54
CA GLN A 340 8.36 15.00 2.92
C GLN A 340 7.13 14.80 3.80
N ALA A 341 6.92 13.57 4.27
CA ALA A 341 5.76 13.30 5.12
C ALA A 341 5.79 14.13 6.39
N GLN A 342 6.97 14.26 7.00
CA GLN A 342 7.09 15.06 8.22
C GLN A 342 6.61 16.49 7.99
N ALA A 343 7.06 17.12 6.91
CA ALA A 343 6.69 18.50 6.64
C ALA A 343 5.20 18.63 6.43
N LEU A 344 4.61 17.75 5.61
CA LEU A 344 3.17 17.82 5.35
C LEU A 344 2.38 17.75 6.64
N LEU A 345 2.74 16.80 7.52
CA LEU A 345 2.02 16.66 8.79
C LEU A 345 2.05 17.96 9.59
N SER A 346 3.19 18.64 9.60
CA SER A 346 3.30 19.90 10.35
C SER A 346 2.43 20.99 9.73
N SER A 347 2.52 21.16 8.41
CA SER A 347 1.77 22.22 7.75
CA SER A 347 1.77 22.22 7.75
C SER A 347 0.26 21.96 7.81
N ALA A 348 -0.16 20.73 7.54
CA ALA A 348 -1.59 20.45 7.47
C ALA A 348 -2.27 20.54 8.82
N LEU A 349 -1.59 20.18 9.90
CA LEU A 349 -2.18 20.22 11.23
C LEU A 349 -1.60 21.36 12.05
N THR B 11 26.74 -3.41 -8.89
CA THR B 11 26.62 -2.41 -9.96
C THR B 11 25.36 -1.57 -9.76
N THR B 12 25.43 -0.27 -10.17
CA THR B 12 24.28 0.63 -10.01
C THR B 12 23.53 0.77 -11.33
N PRO B 13 22.20 0.90 -11.29
CA PRO B 13 21.44 1.00 -12.54
C PRO B 13 21.68 2.34 -13.24
N GLY B 14 21.71 2.29 -14.57
CA GLY B 14 21.86 3.48 -15.37
C GLY B 14 20.52 4.14 -15.65
N PRO B 15 20.53 5.21 -16.45
CA PRO B 15 19.29 5.95 -16.73
C PRO B 15 18.54 5.57 -18.00
N VAL B 16 18.89 4.48 -18.66
CA VAL B 16 18.27 4.09 -19.93
C VAL B 16 17.44 2.83 -19.72
N MET B 17 16.18 2.89 -20.09
CA MET B 17 15.29 1.73 -20.14
C MET B 17 15.04 1.38 -21.60
N LEU B 18 15.44 0.17 -21.98
CA LEU B 18 15.29 -0.33 -23.34
C LEU B 18 14.45 -1.61 -23.31
N ASP B 19 14.39 -2.31 -24.44
CA ASP B 19 13.75 -3.61 -24.50
C ASP B 19 14.69 -4.60 -25.17
N VAL B 20 14.38 -5.89 -25.00
CA VAL B 20 15.20 -6.95 -25.58
C VAL B 20 14.60 -7.37 -26.90
N VAL B 21 15.27 -8.30 -27.59
CA VAL B 21 14.93 -8.60 -28.98
C VAL B 21 13.69 -9.48 -29.07
N GLY B 22 13.52 -10.41 -28.14
CA GLY B 22 12.45 -11.38 -28.24
C GLY B 22 12.16 -12.11 -26.95
N THR B 23 11.74 -13.37 -27.09
CA THR B 23 11.27 -14.17 -25.97
C THR B 23 12.40 -14.83 -25.19
N THR B 24 13.57 -14.98 -25.79
CA THR B 24 14.76 -15.45 -25.10
C THR B 24 15.88 -14.45 -25.32
N LEU B 25 16.78 -14.36 -24.35
CA LEU B 25 17.87 -13.41 -24.41
C LEU B 25 18.88 -13.83 -25.47
N SER B 26 19.34 -12.87 -26.25
CA SER B 26 20.40 -13.08 -27.22
C SER B 26 21.72 -12.56 -26.69
N ARG B 27 22.80 -12.90 -27.39
CA ARG B 27 24.11 -12.39 -27.01
C ARG B 27 24.14 -10.86 -27.06
N ASP B 28 23.40 -10.26 -28.00
CA ASP B 28 23.36 -8.81 -28.10
C ASP B 28 22.58 -8.21 -26.94
N ASP B 29 21.44 -8.81 -26.58
CA ASP B 29 20.69 -8.36 -25.40
C ASP B 29 21.59 -8.31 -24.18
N ALA B 30 22.35 -9.40 -23.94
CA ALA B 30 23.22 -9.45 -22.77
C ALA B 30 24.22 -8.32 -22.77
N ARG B 31 24.78 -7.99 -23.94
CA ARG B 31 25.76 -6.91 -24.01
C ARG B 31 25.16 -5.59 -23.55
N ARG B 32 23.92 -5.31 -23.96
CA ARG B 32 23.29 -4.04 -23.59
C ARG B 32 22.87 -4.04 -22.12
N LEU B 33 22.35 -5.16 -21.63
CA LEU B 33 21.97 -5.24 -20.22
C LEU B 33 23.17 -5.04 -19.31
N ALA B 34 24.36 -5.42 -19.75
CA ALA B 34 25.57 -5.27 -18.97
C ALA B 34 26.16 -3.87 -19.08
N HIS B 35 25.58 -2.99 -19.89
CA HIS B 35 26.11 -1.65 -20.05
C HIS B 35 25.80 -0.83 -18.79
N PRO B 36 26.77 -0.07 -18.25
CA PRO B 36 26.49 0.70 -17.03
C PRO B 36 25.34 1.68 -17.17
N ASN B 37 25.06 2.15 -18.39
CA ASN B 37 23.98 3.11 -18.61
C ASN B 37 22.61 2.47 -18.77
N THR B 38 22.53 1.15 -18.71
CA THR B 38 21.24 0.46 -18.71
C THR B 38 20.71 0.39 -17.28
N GLY B 39 19.43 0.72 -17.11
CA GLY B 39 18.81 0.68 -15.80
C GLY B 39 17.52 -0.10 -15.76
N GLY B 40 16.96 -0.41 -16.92
CA GLY B 40 15.69 -1.12 -16.93
C GLY B 40 15.39 -1.75 -18.27
N VAL B 41 14.37 -2.59 -18.26
CA VAL B 41 13.82 -3.23 -19.46
C VAL B 41 12.31 -3.05 -19.44
N ILE B 42 11.75 -2.62 -20.56
CA ILE B 42 10.31 -2.52 -20.73
C ILE B 42 9.88 -3.60 -21.70
N LEU B 43 8.82 -4.33 -21.34
CA LEU B 43 8.35 -5.47 -22.12
C LEU B 43 7.11 -5.08 -22.91
N PHE B 44 6.91 -5.79 -24.03
CA PHE B 44 5.79 -5.57 -24.92
C PHE B 44 5.19 -6.92 -25.31
N ALA B 45 4.16 -6.87 -26.16
CA ALA B 45 3.46 -8.09 -26.54
C ALA B 45 4.39 -9.11 -27.18
N ARG B 46 5.33 -8.63 -28.00
CA ARG B 46 6.22 -9.54 -28.72
C ARG B 46 7.15 -10.32 -27.78
N HIS B 47 7.23 -9.93 -26.51
CA HIS B 47 8.07 -10.63 -25.54
C HIS B 47 7.30 -11.67 -24.74
N PHE B 48 6.07 -12.00 -25.14
CA PHE B 48 5.23 -12.91 -24.37
C PHE B 48 4.67 -13.99 -25.29
N GLN B 49 4.96 -15.24 -24.95
CA GLN B 49 4.30 -16.40 -25.52
C GLN B 49 3.44 -17.13 -24.49
N ASN B 50 4.00 -17.37 -23.31
CA ASN B 50 3.27 -17.93 -22.19
C ASN B 50 4.01 -17.56 -20.91
N ARG B 51 3.37 -17.82 -19.77
CA ARG B 51 3.96 -17.44 -18.49
C ARG B 51 5.31 -18.10 -18.27
N ALA B 52 5.41 -19.40 -18.58
CA ALA B 52 6.67 -20.10 -18.38
C ALA B 52 7.81 -19.40 -19.12
N GLN B 53 7.59 -19.09 -20.40
CA GLN B 53 8.60 -18.39 -21.18
C GLN B 53 8.88 -17.00 -20.60
N LEU B 54 7.82 -16.27 -20.24
CA LEU B 54 8.01 -14.93 -19.70
C LEU B 54 8.80 -14.96 -18.41
N THR B 55 8.53 -15.94 -17.54
CA THR B 55 9.25 -16.05 -16.27
C THR B 55 10.72 -16.38 -16.51
N ALA B 56 10.99 -17.31 -17.42
CA ALA B 56 12.38 -17.63 -17.77
C ALA B 56 13.10 -16.40 -18.31
N LEU B 57 12.39 -15.59 -19.10
CA LEU B 57 13.02 -14.40 -19.69
C LEU B 57 13.45 -13.41 -18.60
N THR B 58 12.53 -13.05 -17.70
CA THR B 58 12.87 -12.07 -16.67
C THR B 58 13.97 -12.61 -15.76
N ASP B 59 13.95 -13.91 -15.46
CA ASP B 59 15.01 -14.50 -14.64
C ASP B 59 16.36 -14.40 -15.36
N SER B 60 16.39 -14.69 -16.66
CA SER B 60 17.64 -14.59 -17.40
C SER B 60 18.10 -13.14 -17.51
N ILE B 61 17.17 -12.18 -17.46
CA ILE B 61 17.56 -10.77 -17.49
C ILE B 61 18.22 -10.39 -16.17
N ARG B 62 17.62 -10.77 -15.05
CA ARG B 62 18.23 -10.49 -13.76
C ARG B 62 19.54 -11.25 -13.58
N ALA B 63 19.67 -12.40 -14.23
CA ALA B 63 20.94 -13.12 -14.20
C ALA B 63 22.07 -12.27 -14.77
N VAL B 64 21.78 -11.51 -15.82
CA VAL B 64 22.80 -10.64 -16.41
C VAL B 64 23.00 -9.39 -15.55
N ARG B 65 21.92 -8.78 -15.08
CA ARG B 65 21.96 -7.51 -14.38
C ARG B 65 20.99 -7.59 -13.20
N GLU B 66 21.51 -7.83 -12.00
CA GLU B 66 20.65 -8.08 -10.84
C GLU B 66 19.87 -6.83 -10.43
N ASP B 67 20.46 -5.65 -10.61
CA ASP B 67 19.80 -4.40 -10.21
C ASP B 67 18.86 -3.86 -11.28
N ILE B 68 18.54 -4.66 -12.31
CA ILE B 68 17.72 -4.18 -13.40
C ILE B 68 16.29 -3.93 -12.93
N LEU B 69 15.59 -3.03 -13.62
CA LEU B 69 14.18 -2.77 -13.39
C LEU B 69 13.39 -3.22 -14.60
N ILE B 70 12.46 -4.16 -14.39
CA ILE B 70 11.67 -4.76 -15.47
C ILE B 70 10.25 -4.22 -15.37
N ALA B 71 9.81 -3.53 -16.42
CA ALA B 71 8.51 -2.86 -16.43
C ALA B 71 7.69 -3.30 -17.64
N VAL B 72 6.44 -2.85 -17.68
CA VAL B 72 5.52 -3.21 -18.75
C VAL B 72 4.34 -2.24 -18.69
N ASP B 73 3.66 -2.07 -19.83
CA ASP B 73 2.45 -1.25 -19.89
C ASP B 73 1.25 -2.15 -19.64
N HIS B 74 0.84 -2.25 -18.38
CA HIS B 74 -0.36 -2.99 -17.99
C HIS B 74 -1.32 -2.00 -17.33
N GLU B 75 -2.07 -1.27 -18.17
CA GLU B 75 -3.09 -0.37 -17.66
C GLU B 75 -4.45 -1.02 -17.58
N GLY B 76 -4.71 -2.03 -18.41
CA GLY B 76 -6.03 -2.56 -18.59
C GLY B 76 -6.71 -2.00 -19.83
N GLY B 77 -7.76 -2.68 -20.25
CA GLY B 77 -8.48 -2.25 -21.44
C GLY B 77 -7.60 -2.32 -22.67
N ARG B 78 -7.37 -1.18 -23.32
CA ARG B 78 -6.63 -1.12 -24.57
C ARG B 78 -5.13 -1.28 -24.41
N VAL B 79 -4.61 -1.16 -23.19
CA VAL B 79 -3.17 -1.20 -22.94
C VAL B 79 -2.93 -2.33 -21.94
N GLN B 80 -2.71 -3.54 -22.46
CA GLN B 80 -2.33 -4.67 -21.63
C GLN B 80 -1.60 -5.66 -22.54
N ARG B 81 -0.31 -5.86 -22.28
CA ARG B 81 0.53 -6.62 -23.19
C ARG B 81 0.29 -8.13 -23.05
N PHE B 82 0.03 -8.61 -21.84
CA PHE B 82 -0.13 -10.04 -21.57
C PHE B 82 -1.60 -10.30 -21.27
N ARG B 83 -2.28 -10.99 -22.17
CA ARG B 83 -3.72 -11.24 -22.04
C ARG B 83 -4.08 -12.72 -22.09
N THR B 84 -3.09 -13.62 -22.08
CA THR B 84 -3.36 -15.04 -22.29
C THR B 84 -2.54 -15.87 -21.30
N ASP B 85 -2.80 -17.17 -21.32
CA ASP B 85 -2.09 -18.14 -20.47
C ASP B 85 -2.37 -17.89 -18.99
N GLY B 86 -3.60 -17.49 -18.69
CA GLY B 86 -4.03 -17.28 -17.32
C GLY B 86 -4.06 -15.83 -16.89
N PHE B 87 -3.41 -14.94 -17.62
CA PHE B 87 -3.46 -13.53 -17.27
C PHE B 87 -4.89 -13.03 -17.29
N THR B 88 -5.25 -12.25 -16.28
CA THR B 88 -6.60 -11.70 -16.18
C THR B 88 -6.74 -10.51 -17.11
N VAL B 89 -7.76 -10.55 -17.96
CA VAL B 89 -8.04 -9.41 -18.85
C VAL B 89 -8.64 -8.30 -17.98
N LEU B 90 -7.88 -7.24 -17.80
CA LEU B 90 -8.29 -6.16 -16.94
C LEU B 90 -9.14 -5.15 -17.71
N PRO B 91 -10.01 -4.42 -17.02
CA PRO B 91 -10.90 -3.48 -17.71
C PRO B 91 -10.19 -2.17 -18.05
N ALA B 92 -10.78 -1.45 -19.00
CA ALA B 92 -10.38 -0.08 -19.23
C ALA B 92 -10.67 0.74 -17.98
N MET B 93 -9.70 1.56 -17.57
CA MET B 93 -9.85 2.33 -16.34
C MET B 93 -11.08 3.21 -16.36
N ARG B 94 -11.58 3.58 -17.54
CA ARG B 94 -12.85 4.30 -17.62
C ARG B 94 -13.98 3.51 -16.97
N ARG B 95 -13.92 2.17 -17.04
CA ARG B 95 -14.95 1.35 -16.44
C ARG B 95 -15.08 1.62 -14.95
N LEU B 96 -13.95 1.80 -14.25
CA LEU B 96 -14.00 2.08 -12.83
C LEU B 96 -14.67 3.42 -12.54
N GLY B 97 -14.40 4.42 -13.37
CA GLY B 97 -15.07 5.70 -13.22
C GLY B 97 -16.57 5.58 -13.37
N GLU B 98 -17.02 4.82 -14.38
CA GLU B 98 -18.45 4.59 -14.55
C GLU B 98 -19.05 3.92 -13.33
N LEU B 99 -18.32 2.97 -12.72
CA LEU B 99 -18.80 2.33 -11.51
C LEU B 99 -18.88 3.33 -10.36
N TRP B 100 -17.87 4.18 -10.22
CA TRP B 100 -17.90 5.23 -9.21
C TRP B 100 -19.19 6.03 -9.30
N ASP B 101 -19.58 6.43 -10.51
CA ASP B 101 -20.81 7.21 -10.68
C ASP B 101 -22.03 6.45 -10.18
N ARG B 102 -21.96 5.13 -10.11
CA ARG B 102 -23.06 4.33 -9.60
C ARG B 102 -22.91 4.01 -8.12
N ASP B 103 -21.67 3.80 -7.65
CA ASP B 103 -21.42 3.41 -6.27
C ASP B 103 -19.97 3.80 -5.96
N VAL B 104 -19.80 4.91 -5.24
CA VAL B 104 -18.45 5.43 -4.97
C VAL B 104 -17.64 4.41 -4.19
N LEU B 105 -18.19 3.92 -3.08
CA LEU B 105 -17.39 3.07 -2.18
C LEU B 105 -17.07 1.73 -2.84
N LEU B 106 -18.06 1.12 -3.52
CA LEU B 106 -17.78 -0.12 -4.23
C LEU B 106 -16.71 0.09 -5.30
N ALA B 107 -16.70 1.26 -5.94
CA ALA B 107 -15.70 1.55 -6.96
C ALA B 107 -14.29 1.50 -6.36
N THR B 108 -14.09 2.17 -5.22
CA THR B 108 -12.78 2.14 -4.58
C THR B 108 -12.40 0.71 -4.21
N LYS B 109 -13.38 -0.11 -3.81
CA LYS B 109 -13.10 -1.49 -3.44
C LYS B 109 -12.66 -2.30 -4.66
N VAL B 110 -13.34 -2.11 -5.80
CA VAL B 110 -12.96 -2.84 -7.01
C VAL B 110 -11.60 -2.36 -7.51
N ALA B 111 -11.38 -1.05 -7.53
CA ALA B 111 -10.10 -0.52 -8.00
C ALA B 111 -8.93 -1.18 -7.28
N THR B 112 -9.07 -1.39 -5.96
CA THR B 112 -8.01 -2.06 -5.21
C THR B 112 -7.87 -3.52 -5.64
N ALA B 113 -9.00 -4.19 -5.91
CA ALA B 113 -8.94 -5.57 -6.38
C ALA B 113 -8.25 -5.66 -7.74
N VAL B 114 -8.57 -4.72 -8.63
CA VAL B 114 -7.90 -4.67 -9.93
C VAL B 114 -6.39 -4.54 -9.73
N GLY B 115 -5.98 -3.59 -8.87
CA GLY B 115 -4.57 -3.38 -8.64
C GLY B 115 -3.86 -4.61 -8.13
N TYR B 116 -4.50 -5.34 -7.21
CA TYR B 116 -3.86 -6.52 -6.63
C TYR B 116 -3.69 -7.62 -7.67
N ILE B 117 -4.75 -7.88 -8.45
CA ILE B 117 -4.64 -8.85 -9.54
C ILE B 117 -3.55 -8.43 -10.51
N LEU B 118 -3.56 -7.15 -10.89
CA LEU B 118 -2.57 -6.63 -11.83
C LEU B 118 -1.16 -6.91 -11.34
N ALA B 119 -0.83 -6.44 -10.14
CA ALA B 119 0.54 -6.57 -9.63
C ALA B 119 0.88 -8.02 -9.34
N ALA B 120 -0.01 -8.74 -8.65
CA ALA B 120 0.29 -10.11 -8.25
C ALA B 120 0.67 -10.96 -9.46
N GLU B 121 -0.13 -10.90 -10.53
CA GLU B 121 0.15 -11.72 -11.69
C GLU B 121 1.47 -11.33 -12.35
N LEU B 122 1.80 -10.04 -12.34
CA LEU B 122 3.09 -9.62 -12.88
C LEU B 122 4.23 -10.08 -12.00
N ARG B 123 4.08 -9.97 -10.67
CA ARG B 123 5.11 -10.46 -9.76
C ARG B 123 5.39 -11.93 -10.00
N ALA B 124 4.34 -12.72 -10.24
CA ALA B 124 4.51 -14.16 -10.43
C ALA B 124 5.45 -14.46 -11.60
N CYS B 125 5.52 -13.57 -12.58
CA CYS B 125 6.39 -13.73 -13.73
C CYS B 125 7.66 -12.89 -13.63
N GLY B 126 7.96 -12.35 -12.45
CA GLY B 126 9.22 -11.67 -12.24
C GLY B 126 9.32 -10.28 -12.81
N ILE B 127 8.22 -9.55 -12.89
CA ILE B 127 8.20 -8.16 -13.34
C ILE B 127 8.10 -7.25 -12.12
N ASP B 128 8.76 -6.09 -12.20
CA ASP B 128 8.83 -5.19 -11.05
C ASP B 128 7.65 -4.23 -10.97
N MET B 129 7.21 -3.67 -12.10
CA MET B 129 6.25 -2.58 -12.04
C MET B 129 5.49 -2.50 -13.36
N SER B 130 4.40 -1.75 -13.33
CA SER B 130 3.62 -1.40 -14.51
C SER B 130 3.51 0.11 -14.60
N PHE B 131 3.59 0.63 -15.83
CA PHE B 131 3.46 2.07 -16.06
C PHE B 131 1.97 2.43 -16.00
N THR B 132 1.48 2.57 -14.77
CA THR B 132 0.09 2.85 -14.49
C THR B 132 0.06 3.47 -13.08
N PRO B 133 -0.93 4.30 -12.77
CA PRO B 133 -2.17 4.66 -13.47
C PRO B 133 -2.10 5.90 -14.36
N VAL B 134 -2.92 5.91 -15.40
CA VAL B 134 -3.13 7.12 -16.18
C VAL B 134 -3.92 8.10 -15.33
N LEU B 135 -3.36 9.29 -15.12
CA LEU B 135 -4.02 10.34 -14.37
C LEU B 135 -4.63 11.42 -15.26
N ASP B 136 -4.49 11.29 -16.58
CA ASP B 136 -5.12 12.22 -17.49
C ASP B 136 -6.62 12.26 -17.25
N LEU B 137 -7.20 13.46 -17.31
CA LEU B 137 -8.63 13.61 -17.13
C LEU B 137 -9.36 13.29 -18.43
N ASP B 138 -10.54 12.66 -18.29
CA ASP B 138 -11.32 12.23 -19.45
C ASP B 138 -12.12 13.42 -19.98
N TYR B 139 -11.41 14.31 -20.69
CA TYR B 139 -12.08 15.40 -21.39
C TYR B 139 -12.84 14.93 -22.62
N GLY B 140 -12.52 13.73 -23.13
CA GLY B 140 -13.04 13.29 -24.41
C GLY B 140 -12.33 13.89 -25.61
N HIS B 141 -11.29 14.71 -25.38
CA HIS B 141 -10.56 15.31 -26.49
C HIS B 141 -9.53 14.35 -27.08
N SER B 142 -8.78 13.66 -26.22
CA SER B 142 -7.63 12.88 -26.66
C SER B 142 -8.08 11.48 -27.07
N LYS B 143 -7.79 11.12 -28.33
CA LYS B 143 -8.07 9.77 -28.80
C LYS B 143 -7.01 8.78 -28.33
N VAL B 144 -5.76 9.22 -28.17
CA VAL B 144 -4.72 8.32 -27.70
C VAL B 144 -4.97 7.91 -26.25
N ILE B 145 -5.53 8.81 -25.44
CA ILE B 145 -5.91 8.48 -24.07
C ILE B 145 -7.22 7.72 -24.10
N GLY B 146 -8.30 8.41 -24.47
CA GLY B 146 -9.59 7.74 -24.60
C GLY B 146 -10.01 7.10 -23.30
N ASP B 147 -10.39 5.82 -23.37
CA ASP B 147 -10.90 5.08 -22.23
C ASP B 147 -9.81 4.68 -21.24
N ARG B 148 -8.57 5.13 -21.46
CA ARG B 148 -7.51 4.89 -20.48
C ARG B 148 -7.64 5.78 -19.25
N ALA B 149 -8.39 6.87 -19.34
CA ALA B 149 -8.59 7.76 -18.21
C ALA B 149 -9.71 7.24 -17.32
N PHE B 150 -9.55 7.42 -16.02
CA PHE B 150 -10.56 6.98 -15.06
C PHE B 150 -11.86 7.77 -15.22
N HIS B 151 -11.76 9.09 -15.27
CA HIS B 151 -12.91 9.95 -15.08
C HIS B 151 -12.57 11.34 -15.60
N ARG B 152 -13.59 12.20 -15.66
CA ARG B 152 -13.40 13.60 -16.00
C ARG B 152 -12.95 14.43 -14.81
N ASP B 153 -13.42 14.08 -13.62
CA ASP B 153 -13.18 14.86 -12.42
C ASP B 153 -11.82 14.50 -11.82
N PRO B 154 -10.92 15.47 -11.59
CA PRO B 154 -9.62 15.12 -11.00
C PRO B 154 -9.72 14.54 -9.61
N ARG B 155 -10.73 14.92 -8.83
CA ARG B 155 -10.90 14.33 -7.50
C ARG B 155 -11.26 12.85 -7.60
N VAL B 156 -12.03 12.48 -8.62
CA VAL B 156 -12.39 11.07 -8.81
C VAL B 156 -11.18 10.29 -9.31
N VAL B 157 -10.49 10.83 -10.32
CA VAL B 157 -9.29 10.19 -10.83
C VAL B 157 -8.29 9.94 -9.70
N THR B 158 -8.18 10.90 -8.79
CA THR B 158 -7.24 10.77 -7.67
C THR B 158 -7.57 9.57 -6.81
N LEU B 159 -8.80 9.50 -6.30
CA LEU B 159 -9.14 8.49 -5.31
C LEU B 159 -9.22 7.10 -5.94
N LEU B 160 -9.71 7.00 -7.17
CA LEU B 160 -9.71 5.71 -7.86
C LEU B 160 -8.28 5.23 -8.11
N ALA B 161 -7.46 6.08 -8.72
CA ALA B 161 -6.06 5.72 -8.93
C ALA B 161 -5.36 5.41 -7.61
N LYS B 162 -5.70 6.15 -6.56
CA LYS B 162 -5.12 5.87 -5.24
C LYS B 162 -5.52 4.47 -4.78
N SER B 163 -6.79 4.12 -4.92
CA SER B 163 -7.23 2.78 -4.53
C SER B 163 -6.56 1.71 -5.39
N LEU B 164 -6.39 1.99 -6.68
CA LEU B 164 -5.64 1.08 -7.54
C LEU B 164 -4.21 0.93 -7.06
N ASN B 165 -3.54 2.05 -6.79
CA ASN B 165 -2.15 2.01 -6.32
C ASN B 165 -2.05 1.24 -5.01
N HIS B 166 -3.04 1.38 -4.13
CA HIS B 166 -3.08 0.59 -2.92
C HIS B 166 -3.08 -0.90 -3.25
N GLY B 167 -3.95 -1.32 -4.17
CA GLY B 167 -3.95 -2.71 -4.59
C GLY B 167 -2.62 -3.16 -5.17
N LEU B 168 -1.97 -2.29 -5.95
CA LEU B 168 -0.64 -2.60 -6.43
C LEU B 168 0.34 -2.77 -5.28
N SER B 169 0.25 -1.89 -4.27
CA SER B 169 1.18 -1.94 -3.15
C SER B 169 0.98 -3.20 -2.31
N LEU B 170 -0.23 -3.76 -2.29
CA LEU B 170 -0.46 -4.97 -1.51
C LEU B 170 0.41 -6.13 -2.01
N ALA B 171 0.71 -6.15 -3.30
CA ALA B 171 1.61 -7.15 -3.87
C ALA B 171 3.06 -6.67 -3.92
N GLY B 172 3.37 -5.53 -3.30
CA GLY B 172 4.72 -5.02 -3.26
C GLY B 172 5.14 -4.21 -4.47
N MET B 173 4.19 -3.81 -5.31
CA MET B 173 4.49 -3.14 -6.56
C MET B 173 4.25 -1.64 -6.43
N ALA B 174 5.19 -0.85 -6.96
CA ALA B 174 5.03 0.60 -7.02
C ALA B 174 4.08 0.98 -8.15
N ASN B 175 4.19 2.22 -8.62
CA ASN B 175 3.29 2.72 -9.66
C ASN B 175 3.95 3.89 -10.35
N CYS B 176 3.29 4.38 -11.40
CA CYS B 176 3.81 5.51 -12.16
C CYS B 176 2.64 6.26 -12.76
N GLY B 177 2.41 7.49 -12.30
CA GLY B 177 1.37 8.32 -12.86
C GLY B 177 1.77 8.94 -14.18
N LYS B 178 0.79 9.13 -15.05
CA LYS B 178 1.05 9.66 -16.38
C LYS B 178 -0.22 10.20 -17.03
N HIS B 179 -0.13 11.12 -18.00
CA HIS B 179 1.13 11.69 -18.49
C HIS B 179 1.26 13.15 -18.06
N PHE B 180 2.17 13.40 -17.12
CA PHE B 180 2.31 14.70 -16.48
C PHE B 180 2.70 15.79 -17.49
N PRO B 181 2.12 17.00 -17.36
CA PRO B 181 1.12 17.47 -16.39
C PRO B 181 -0.33 17.21 -16.80
N GLY B 182 -0.54 16.53 -17.92
CA GLY B 182 -1.89 16.24 -18.37
C GLY B 182 -2.02 16.11 -19.87
N HIS B 183 -2.38 14.92 -20.33
CA HIS B 183 -2.52 14.62 -21.75
C HIS B 183 -3.97 14.59 -22.21
N GLY B 184 -4.92 14.76 -21.30
CA GLY B 184 -6.33 14.60 -21.64
C GLY B 184 -6.93 15.75 -22.42
N PHE B 185 -6.35 16.94 -22.33
CA PHE B 185 -6.90 18.11 -23.00
C PHE B 185 -6.37 18.27 -24.42
N ALA B 186 -5.08 17.96 -24.63
CA ALA B 186 -4.48 18.11 -25.95
C ALA B 186 -5.25 17.32 -26.99
N GLU B 187 -5.39 17.91 -28.19
CA GLU B 187 -6.16 17.26 -29.25
C GLU B 187 -5.42 16.05 -29.80
N ALA B 188 -4.23 16.27 -30.35
CA ALA B 188 -3.44 15.18 -30.91
C ALA B 188 -2.89 14.29 -29.81
N LEU B 194 3.34 17.31 -32.72
CA LEU B 194 3.24 17.25 -31.27
C LEU B 194 1.94 17.89 -30.78
N PRO B 195 1.25 17.24 -29.83
CA PRO B 195 0.07 17.87 -29.23
C PRO B 195 0.42 19.20 -28.58
N THR B 196 -0.56 20.11 -28.58
CA THR B 196 -0.38 21.44 -28.00
C THR B 196 -1.49 21.70 -26.99
N ASP B 197 -1.17 22.50 -25.98
CA ASP B 197 -2.11 22.85 -24.92
C ASP B 197 -1.86 24.31 -24.55
N ASP B 198 -2.82 25.18 -24.88
CA ASP B 198 -2.66 26.62 -24.70
C ASP B 198 -3.34 27.14 -23.44
N ARG B 199 -3.69 26.26 -22.51
CA ARG B 199 -4.32 26.69 -21.27
C ARG B 199 -3.29 27.38 -20.37
N THR B 200 -3.78 28.26 -19.51
CA THR B 200 -2.91 28.96 -18.57
C THR B 200 -2.33 27.97 -17.56
N LEU B 201 -1.23 28.39 -16.92
CA LEU B 201 -0.62 27.56 -15.89
C LEU B 201 -1.60 27.26 -14.77
N ASP B 202 -2.39 28.26 -14.37
CA ASP B 202 -3.33 28.05 -13.27
C ASP B 202 -4.40 27.03 -13.63
N ALA B 203 -4.94 27.10 -14.86
CA ALA B 203 -5.95 26.15 -15.28
C ALA B 203 -5.40 24.73 -15.27
N ILE B 204 -4.13 24.57 -15.66
CA ILE B 204 -3.52 23.24 -15.66
C ILE B 204 -3.32 22.74 -14.23
N LEU B 205 -2.80 23.62 -13.36
CA LEU B 205 -2.58 23.23 -11.97
C LEU B 205 -3.89 22.95 -11.25
N GLU B 206 -4.93 23.73 -11.54
CA GLU B 206 -6.19 23.57 -10.84
C GLU B 206 -6.87 22.25 -11.16
N GLN B 207 -6.57 21.67 -12.32
CA GLN B 207 -7.30 20.49 -12.79
C GLN B 207 -6.39 19.30 -13.03
N ASP B 208 -5.65 19.33 -14.13
CA ASP B 208 -4.94 18.13 -14.60
C ASP B 208 -3.80 17.73 -13.67
N VAL B 209 -3.13 18.70 -13.04
CA VAL B 209 -2.03 18.38 -12.14
C VAL B 209 -2.51 17.98 -10.76
N ALA B 210 -3.74 18.34 -10.39
CA ALA B 210 -4.22 18.09 -9.03
C ALA B 210 -4.08 16.64 -8.60
N PRO B 211 -4.38 15.64 -9.43
CA PRO B 211 -4.16 14.24 -9.00
C PRO B 211 -2.72 13.98 -8.54
N TYR B 212 -1.73 14.52 -9.23
CA TYR B 212 -0.34 14.33 -8.82
C TYR B 212 -0.10 14.93 -7.43
N ASP B 213 -0.65 16.12 -7.19
CA ASP B 213 -0.43 16.79 -5.90
C ASP B 213 -1.17 16.09 -4.78
N TRP B 214 -2.42 15.70 -5.01
CA TRP B 214 -3.24 15.12 -3.94
C TRP B 214 -2.77 13.73 -3.55
N LEU B 215 -2.19 12.97 -4.48
CA LEU B 215 -1.84 11.58 -4.19
C LEU B 215 -0.71 11.49 -3.16
N GLY B 216 0.13 12.51 -3.06
CA GLY B 216 1.22 12.45 -2.10
C GLY B 216 2.08 11.22 -2.30
N LEU B 217 2.39 10.53 -1.20
CA LEU B 217 3.26 9.36 -1.25
C LEU B 217 2.65 8.19 -2.00
N SER B 218 1.33 8.19 -2.26
CA SER B 218 0.72 7.14 -3.06
CA SER B 218 0.74 7.13 -3.06
C SER B 218 1.16 7.18 -4.52
N LEU B 219 1.82 8.25 -4.94
CA LEU B 219 2.36 8.37 -6.29
C LEU B 219 3.86 8.07 -6.22
N ALA B 220 4.27 6.98 -6.86
CA ALA B 220 5.65 6.53 -6.77
C ALA B 220 6.54 7.08 -7.88
N ALA B 221 5.99 7.33 -9.06
CA ALA B 221 6.78 7.82 -10.18
C ALA B 221 5.86 8.57 -11.14
N VAL B 222 6.48 9.19 -12.14
CA VAL B 222 5.76 10.00 -13.12
C VAL B 222 6.37 9.80 -14.49
N ILE B 223 5.53 9.77 -15.51
CA ILE B 223 5.94 9.89 -16.91
C ILE B 223 5.42 11.23 -17.42
N PRO B 224 6.30 12.16 -17.83
CA PRO B 224 5.81 13.40 -18.43
C PRO B 224 5.29 13.18 -19.85
N ALA B 225 4.34 14.03 -20.24
CA ALA B 225 3.70 13.89 -21.54
C ALA B 225 4.53 14.58 -22.63
N HIS B 226 4.48 13.99 -23.83
CA HIS B 226 5.07 14.60 -25.03
C HIS B 226 4.12 15.66 -25.56
N VAL B 227 3.98 16.74 -24.79
CA VAL B 227 3.01 17.78 -25.07
C VAL B 227 3.66 19.14 -24.83
N ILE B 228 3.38 20.09 -25.72
CA ILE B 228 3.81 21.47 -25.56
C ILE B 228 2.70 22.24 -24.85
N TYR B 229 3.05 22.93 -23.77
CA TYR B 229 2.12 23.78 -23.03
C TYR B 229 2.53 25.21 -23.30
N THR B 230 2.00 25.77 -24.39
CA THR B 230 2.51 27.03 -24.93
C THR B 230 2.54 28.13 -23.88
N GLN B 231 1.53 28.18 -23.03
CA GLN B 231 1.41 29.24 -22.04
C GLN B 231 2.33 29.04 -20.84
N VAL B 232 3.26 28.09 -20.90
CA VAL B 232 4.07 27.74 -19.73
C VAL B 232 5.54 27.61 -20.13
N ASP B 233 5.82 26.82 -21.16
CA ASP B 233 7.19 26.58 -21.58
C ASP B 233 7.17 26.05 -23.01
N LYS B 234 8.14 26.50 -23.81
CA LYS B 234 8.24 26.06 -25.20
C LYS B 234 8.68 24.61 -25.31
N ARG B 235 9.33 24.07 -24.29
CA ARG B 235 9.82 22.70 -24.32
C ARG B 235 8.70 21.70 -24.02
N PRO B 236 8.77 20.49 -24.56
CA PRO B 236 7.85 19.45 -24.11
C PRO B 236 8.09 19.13 -22.65
N ALA B 237 7.02 18.74 -21.96
CA ALA B 237 7.08 18.53 -20.51
C ALA B 237 8.28 17.66 -20.14
N GLY B 238 8.46 16.54 -20.84
CA GLY B 238 9.57 15.65 -20.52
C GLY B 238 10.93 16.30 -20.66
N PHE B 239 11.04 17.31 -21.52
CA PHE B 239 12.29 18.03 -21.71
C PHE B 239 12.28 19.41 -21.05
N SER B 240 11.32 19.67 -20.17
CA SER B 240 11.11 20.99 -19.60
C SER B 240 11.55 20.97 -18.14
N ARG B 241 12.57 21.76 -17.82
CA ARG B 241 12.96 21.93 -16.43
C ARG B 241 11.92 22.70 -15.64
N VAL B 242 11.11 23.53 -16.31
CA VAL B 242 10.04 24.25 -15.62
C VAL B 242 9.01 23.28 -15.09
N TRP B 243 8.52 22.37 -15.93
CA TRP B 243 7.52 21.40 -15.51
C TRP B 243 8.09 20.46 -14.45
N LEU B 244 9.28 19.92 -14.70
CA LEU B 244 9.81 18.86 -13.84
C LEU B 244 10.41 19.41 -12.57
N GLN B 245 11.21 20.47 -12.65
CA GLN B 245 11.90 20.98 -11.48
C GLN B 245 11.08 22.04 -10.74
N ASP B 246 10.63 23.08 -11.44
CA ASP B 246 9.95 24.17 -10.76
C ASP B 246 8.57 23.74 -10.27
N ILE B 247 7.84 22.97 -11.07
CA ILE B 247 6.47 22.59 -10.73
C ILE B 247 6.46 21.27 -9.96
N LEU B 248 6.98 20.21 -10.57
CA LEU B 248 6.85 18.88 -9.99
C LEU B 248 7.78 18.71 -8.79
N ARG B 249 9.07 18.94 -8.97
CA ARG B 249 10.02 18.79 -7.86
C ARG B 249 9.84 19.88 -6.82
N GLY B 250 9.55 21.10 -7.26
CA GLY B 250 9.50 22.24 -6.35
C GLY B 250 8.13 22.49 -5.77
N LYS B 251 7.19 22.92 -6.61
CA LYS B 251 5.88 23.32 -6.11
C LYS B 251 5.14 22.15 -5.48
N LEU B 252 5.25 20.96 -6.07
CA LEU B 252 4.61 19.77 -5.53
C LEU B 252 5.53 18.97 -4.61
N GLY B 253 6.83 19.25 -4.61
CA GLY B 253 7.73 18.53 -3.75
C GLY B 253 7.83 17.05 -4.05
N PHE B 254 7.63 16.66 -5.30
CA PHE B 254 7.66 15.25 -5.67
C PHE B 254 9.09 14.71 -5.55
N THR B 255 9.22 13.50 -5.01
CA THR B 255 10.53 12.90 -4.75
C THR B 255 10.68 11.53 -5.41
N GLY B 256 9.70 11.09 -6.20
CA GLY B 256 9.79 9.80 -6.86
C GLY B 256 10.50 9.87 -8.20
N ALA B 257 10.72 8.71 -8.79
CA ALA B 257 11.41 8.62 -10.06
C ALA B 257 10.57 9.25 -11.17
N ILE B 258 11.26 9.79 -12.16
CA ILE B 258 10.64 10.36 -13.36
C ILE B 258 11.18 9.62 -14.57
N PHE B 259 10.30 8.90 -15.26
CA PHE B 259 10.63 8.24 -16.51
C PHE B 259 10.14 9.10 -17.66
N SER B 260 10.99 9.31 -18.66
CA SER B 260 10.52 9.98 -19.86
C SER B 260 9.55 9.06 -20.61
N ASP B 261 8.65 9.65 -21.38
CA ASP B 261 7.85 8.85 -22.29
C ASP B 261 8.75 8.33 -23.41
N ASP B 262 8.20 7.44 -24.23
CA ASP B 262 8.97 6.80 -25.28
C ASP B 262 9.67 7.83 -26.16
N LEU B 263 11.00 7.88 -26.08
CA LEU B 263 11.77 8.79 -26.93
C LEU B 263 11.76 8.37 -28.40
N SER B 264 11.32 7.16 -28.70
CA SER B 264 11.24 6.72 -30.09
C SER B 264 10.18 7.47 -30.89
N MET B 265 9.36 8.30 -30.24
CA MET B 265 8.41 9.13 -30.96
C MET B 265 9.16 10.24 -31.69
N GLU B 266 9.09 10.21 -33.03
CA GLU B 266 9.87 11.14 -33.84
C GLU B 266 9.57 12.59 -33.45
N ALA B 267 8.29 12.95 -33.35
CA ALA B 267 7.93 14.33 -33.07
C ALA B 267 8.47 14.81 -31.72
N ALA B 268 8.79 13.90 -30.81
CA ALA B 268 9.25 14.27 -29.48
C ALA B 268 10.70 14.76 -29.47
N ARG B 269 11.49 14.38 -30.48
CA ARG B 269 12.92 14.71 -30.47
C ARG B 269 13.20 16.17 -30.79
N GLU B 270 12.20 16.94 -31.20
N GLU B 270 12.20 16.94 -31.21
CA GLU B 270 12.40 18.33 -31.61
CA GLU B 270 12.40 18.33 -31.61
C GLU B 270 13.40 18.44 -32.76
C GLU B 270 13.37 18.45 -32.78
N GLY B 271 13.42 17.42 -33.62
CA GLY B 271 14.30 17.38 -34.77
C GLY B 271 15.68 16.80 -34.53
N GLY B 272 16.25 17.05 -33.35
CA GLY B 272 17.62 16.69 -33.05
C GLY B 272 17.99 15.23 -33.28
N THR B 273 18.35 14.54 -32.22
CA THR B 273 18.82 13.16 -32.30
C THR B 273 18.34 12.40 -31.09
N LEU B 274 18.43 11.07 -31.18
CA LEU B 274 17.93 10.23 -30.10
C LEU B 274 18.79 10.37 -28.85
N THR B 275 20.11 10.39 -29.00
CA THR B 275 20.99 10.56 -27.85
C THR B 275 20.79 11.93 -27.21
N GLN B 276 20.78 12.99 -28.03
CA GLN B 276 20.61 14.33 -27.49
C GLN B 276 19.27 14.48 -26.78
N ALA B 277 18.22 13.84 -27.31
CA ALA B 277 16.94 13.85 -26.63
C ALA B 277 17.04 13.18 -25.27
N ALA B 278 17.78 12.07 -25.19
CA ALA B 278 17.98 11.41 -23.90
C ALA B 278 18.69 12.34 -22.93
N ASP B 279 19.77 12.99 -23.38
CA ASP B 279 20.49 13.91 -22.51
C ASP B 279 19.65 15.12 -22.14
N ALA B 280 18.78 15.58 -23.05
CA ALA B 280 17.94 16.73 -22.74
C ALA B 280 16.88 16.38 -21.71
N ALA B 281 16.24 15.22 -21.86
CA ALA B 281 15.25 14.79 -20.88
C ALA B 281 15.88 14.60 -19.51
N LEU B 282 17.01 13.89 -19.46
CA LEU B 282 17.67 13.65 -18.19
C LEU B 282 18.14 14.95 -17.55
N ALA B 283 18.58 15.91 -18.36
CA ALA B 283 18.99 17.20 -17.82
C ALA B 283 17.79 18.00 -17.31
N ALA B 284 16.64 17.86 -17.97
CA ALA B 284 15.44 18.56 -17.51
C ALA B 284 14.99 18.08 -16.13
N GLY B 285 15.17 16.79 -15.85
CA GLY B 285 14.80 16.27 -14.53
C GLY B 285 14.49 14.79 -14.50
N CYS B 286 14.41 14.15 -15.66
CA CYS B 286 14.13 12.72 -15.70
C CYS B 286 15.27 11.93 -15.06
N ASP B 287 14.92 10.88 -14.33
CA ASP B 287 15.90 9.95 -13.80
C ASP B 287 16.19 8.81 -14.76
N MET B 288 15.29 8.52 -15.69
CA MET B 288 15.44 7.41 -16.61
C MET B 288 14.70 7.74 -17.89
N VAL B 289 15.27 7.32 -19.02
CA VAL B 289 14.68 7.57 -20.33
C VAL B 289 14.29 6.23 -20.95
N LEU B 290 13.21 6.25 -21.74
CA LEU B 290 12.69 5.06 -22.39
C LEU B 290 13.00 5.12 -23.88
N VAL B 291 13.66 4.07 -24.39
CA VAL B 291 13.92 3.90 -25.81
C VAL B 291 13.33 2.55 -26.20
N CYS B 292 12.23 2.57 -26.94
CA CYS B 292 11.43 1.36 -27.18
C CYS B 292 11.43 0.99 -28.66
N ASN B 293 11.55 -0.31 -28.92
CA ASN B 293 11.37 -0.89 -30.25
C ASN B 293 12.50 -0.53 -31.20
N GLN B 294 13.72 -0.39 -30.68
CA GLN B 294 14.91 -0.24 -31.52
C GLN B 294 16.15 -0.42 -30.67
N PRO B 295 16.44 -1.64 -30.23
CA PRO B 295 17.58 -1.85 -29.32
C PRO B 295 18.90 -1.35 -29.85
N ASP B 296 19.12 -1.40 -31.17
CA ASP B 296 20.40 -0.94 -31.72
C ASP B 296 20.53 0.57 -31.58
N ALA B 297 19.50 1.32 -31.95
CA ALA B 297 19.51 2.76 -31.72
C ALA B 297 19.63 3.07 -30.24
N ALA B 298 19.06 2.23 -29.38
CA ALA B 298 19.23 2.40 -27.94
C ALA B 298 20.67 2.17 -27.51
N GLU B 299 21.37 1.24 -28.17
CA GLU B 299 22.78 1.00 -27.84
C GLU B 299 23.65 2.19 -28.23
N VAL B 300 23.25 2.93 -29.27
CA VAL B 300 23.94 4.17 -29.59
C VAL B 300 23.82 5.15 -28.44
N VAL B 301 22.64 5.24 -27.83
CA VAL B 301 22.44 6.16 -26.72
C VAL B 301 23.29 5.75 -25.53
N LEU B 302 23.29 4.46 -25.20
CA LEU B 302 24.07 3.98 -24.06
C LEU B 302 25.53 4.41 -24.17
N ASN B 303 26.09 4.33 -25.38
CA ASN B 303 27.50 4.65 -25.59
C ASN B 303 27.75 6.14 -25.80
N GLY B 304 26.75 6.90 -26.23
CA GLY B 304 26.94 8.31 -26.51
C GLY B 304 26.39 9.23 -25.45
N LEU B 305 25.61 8.69 -24.51
CA LEU B 305 24.96 9.51 -23.50
C LEU B 305 25.99 10.29 -22.70
N LYS B 306 25.74 11.59 -22.53
CA LYS B 306 26.64 12.46 -21.78
C LYS B 306 26.26 12.57 -20.30
N ALA B 307 25.00 12.30 -19.96
CA ALA B 307 24.53 12.51 -18.60
C ALA B 307 25.19 11.51 -17.64
N ARG B 308 25.32 11.94 -16.39
CA ARG B 308 25.82 11.08 -15.31
C ARG B 308 24.73 10.99 -14.25
N ALA B 309 24.34 9.75 -13.92
CA ALA B 309 23.23 9.53 -12.99
C ALA B 309 23.65 9.92 -11.57
N SER B 310 22.97 10.91 -11.01
CA SER B 310 23.25 11.33 -9.64
C SER B 310 22.90 10.23 -8.66
N ALA B 311 23.40 10.37 -7.43
CA ALA B 311 23.11 9.39 -6.39
C ALA B 311 21.63 9.38 -6.03
N GLU B 312 20.96 10.54 -6.09
CA GLU B 312 19.54 10.58 -5.78
C GLU B 312 18.71 9.86 -6.84
N SER B 313 19.03 10.07 -8.12
CA SER B 313 18.36 9.33 -9.18
C SER B 313 18.48 7.82 -8.96
N VAL B 314 19.69 7.35 -8.66
CA VAL B 314 19.88 5.93 -8.37
C VAL B 314 18.96 5.49 -7.25
N ARG B 315 18.84 6.30 -6.19
CA ARG B 315 17.95 5.97 -5.09
C ARG B 315 16.50 5.92 -5.57
N ARG B 316 16.11 6.86 -6.43
CA ARG B 316 14.75 6.86 -6.95
C ARG B 316 14.49 5.62 -7.80
N ILE B 317 15.46 5.24 -8.64
CA ILE B 317 15.29 4.09 -9.51
C ILE B 317 15.20 2.81 -8.67
N LYS B 318 16.06 2.67 -7.67
CA LYS B 318 16.06 1.47 -6.84
C LYS B 318 14.74 1.31 -6.08
N ARG B 319 14.09 2.41 -5.74
CA ARG B 319 12.82 2.33 -5.03
C ARG B 319 11.66 1.91 -5.93
N MET B 320 11.89 1.79 -7.24
CA MET B 320 10.88 1.27 -8.14
C MET B 320 10.90 -0.25 -8.25
N ARG B 321 11.94 -0.90 -7.73
CA ARG B 321 11.95 -2.35 -7.68
C ARG B 321 10.82 -2.85 -6.78
N ALA B 322 10.28 -4.00 -7.13
CA ALA B 322 9.21 -4.60 -6.35
C ALA B 322 9.71 -4.99 -4.96
N ARG B 323 8.83 -4.90 -3.97
CA ARG B 323 9.17 -5.13 -2.58
C ARG B 323 8.74 -6.52 -2.13
N GLY B 324 9.55 -7.14 -1.28
CA GLY B 324 9.20 -8.39 -0.64
C GLY B 324 9.08 -9.56 -1.61
N LYS B 325 8.92 -10.77 -1.06
CA LYS B 325 8.77 -11.95 -1.88
C LYS B 325 7.42 -11.94 -2.59
N ALA B 326 7.32 -12.75 -3.64
CA ALA B 326 6.11 -12.84 -4.43
C ALA B 326 5.68 -14.29 -4.54
N LEU B 327 4.38 -14.50 -4.72
CA LEU B 327 3.83 -15.84 -4.82
C LEU B 327 3.98 -16.36 -6.23
N LYS B 328 4.49 -17.59 -6.36
CA LYS B 328 4.49 -18.26 -7.66
C LYS B 328 3.04 -18.43 -8.13
N TRP B 329 2.90 -18.64 -9.45
CA TRP B 329 1.57 -18.66 -10.05
C TRP B 329 0.68 -19.70 -9.39
N ASP B 330 1.19 -20.93 -9.24
CA ASP B 330 0.38 -22.02 -8.69
C ASP B 330 -0.12 -21.68 -7.29
N LYS B 331 0.69 -21.00 -6.50
CA LYS B 331 0.27 -20.60 -5.15
C LYS B 331 -0.62 -19.36 -5.19
N LEU B 332 -0.44 -18.49 -6.19
CA LEU B 332 -1.24 -17.27 -6.27
C LEU B 332 -2.70 -17.59 -6.59
N ILE B 333 -2.93 -18.44 -7.60
CA ILE B 333 -4.29 -18.69 -8.07
C ILE B 333 -5.14 -19.43 -7.04
N ALA B 334 -4.53 -19.95 -5.97
CA ALA B 334 -5.26 -20.56 -4.87
C ALA B 334 -5.32 -19.67 -3.64
N GLN B 335 -4.80 -18.46 -3.72
CA GLN B 335 -4.76 -17.57 -2.54
C GLN B 335 -6.15 -16.98 -2.31
N PRO B 336 -6.70 -17.07 -1.10
CA PRO B 336 -8.05 -16.53 -0.85
C PRO B 336 -8.20 -15.07 -1.27
N GLU B 337 -7.24 -14.21 -0.89
CA GLU B 337 -7.33 -12.80 -1.26
C GLU B 337 -7.40 -12.64 -2.77
N TYR B 338 -6.51 -13.32 -3.49
CA TYR B 338 -6.56 -13.33 -4.95
C TYR B 338 -7.93 -13.77 -5.44
N LEU B 339 -8.46 -14.87 -4.87
CA LEU B 339 -9.78 -15.35 -5.27
C LEU B 339 -10.86 -14.32 -4.96
N GLN B 340 -10.77 -13.67 -3.81
CA GLN B 340 -11.75 -12.63 -3.46
C GLN B 340 -11.74 -11.51 -4.48
N ALA B 341 -10.55 -11.14 -4.96
CA ALA B 341 -10.44 -10.09 -5.97
C ALA B 341 -11.11 -10.51 -7.27
N GLN B 342 -10.79 -11.71 -7.75
CA GLN B 342 -11.40 -12.20 -8.99
C GLN B 342 -12.92 -12.22 -8.87
N ALA B 343 -13.44 -12.68 -7.73
CA ALA B 343 -14.90 -12.74 -7.56
C ALA B 343 -15.50 -11.34 -7.56
N LEU B 344 -14.86 -10.39 -6.89
CA LEU B 344 -15.37 -9.03 -6.86
C LEU B 344 -15.31 -8.39 -8.25
N LEU B 345 -14.23 -8.67 -8.99
CA LEU B 345 -14.12 -8.11 -10.34
C LEU B 345 -15.21 -8.64 -11.25
N SER B 346 -15.54 -9.92 -11.13
CA SER B 346 -16.55 -10.51 -12.02
C SER B 346 -17.95 -10.02 -11.67
N SER B 347 -18.23 -9.80 -10.38
CA SER B 347 -19.58 -9.41 -9.98
C SER B 347 -19.78 -7.90 -10.09
N ALA B 348 -18.77 -7.11 -9.73
CA ALA B 348 -18.93 -5.66 -9.66
C ALA B 348 -18.89 -5.00 -11.03
N LEU B 349 -18.18 -5.58 -12.00
CA LEU B 349 -18.06 -5.00 -13.32
C LEU B 349 -18.96 -5.67 -14.35
N ALA B 350 -19.76 -6.66 -13.95
CA ALA B 350 -20.65 -7.33 -14.87
C ALA B 350 -21.58 -6.33 -15.55
#